data_1DQB
#
_entry.id   1DQB
#
_cell.length_a   1.000
_cell.length_b   1.000
_cell.length_c   1.000
_cell.angle_alpha   90.00
_cell.angle_beta   90.00
_cell.angle_gamma   90.00
#
_symmetry.space_group_name_H-M   'P 1'
#
loop_
_entity.id
_entity.type
_entity.pdbx_description
1 polymer THROMBOMODULIN
2 non-polymer 2-acetamido-2-deoxy-beta-D-glucopyranose
#
_entity_poly.entity_id   1
_entity_poly.type   'polypeptide(L)'
_entity_poly.pdbx_seq_one_letter_code
;HMEPVDPCFRANCEYQCQPLNQTSYLCVCAEGFAPIPHEPHRCQMFCNQTACPADCDPNTQASCECPEGYILDDGFICTD
IDE
;
_entity_poly.pdbx_strand_id   A
#
loop_
_chem_comp.id
_chem_comp.type
_chem_comp.name
_chem_comp.formula
NAG D-saccharide, beta linking 2-acetamido-2-deoxy-beta-D-glucopyranose 'C8 H15 N O6'
#
# COMPACT_ATOMS: atom_id res chain seq x y z
N HIS A 1 -1.18 26.33 6.42
CA HIS A 1 -0.86 24.91 6.55
C HIS A 1 0.26 24.50 5.59
N MET A 2 -0.07 24.69 4.29
CA MET A 2 0.96 25.20 3.41
C MET A 2 1.98 24.10 3.11
N GLU A 3 3.10 24.58 2.53
CA GLU A 3 4.02 23.64 1.95
C GLU A 3 5.23 24.41 1.40
N PRO A 4 6.43 23.95 1.85
CA PRO A 4 7.64 24.06 1.05
C PRO A 4 7.70 23.09 -0.14
N VAL A 5 6.50 22.56 -0.48
CA VAL A 5 6.34 21.18 -0.90
C VAL A 5 7.69 20.45 -1.00
N ASP A 6 7.80 19.45 -0.10
CA ASP A 6 9.01 19.37 0.70
C ASP A 6 10.25 19.69 -0.16
N PRO A 7 10.84 18.60 -0.71
CA PRO A 7 10.36 17.94 -1.91
C PRO A 7 8.86 17.59 -1.86
N CYS A 8 8.56 16.67 -0.93
CA CYS A 8 7.29 16.01 -0.95
C CYS A 8 6.31 16.79 -0.06
N PHE A 9 6.15 16.27 1.17
CA PHE A 9 5.17 16.80 2.11
C PHE A 9 4.05 17.57 1.42
N ARG A 10 3.59 16.87 0.38
CA ARG A 10 2.52 17.43 -0.43
C ARG A 10 2.15 16.58 -1.66
N ALA A 11 3.02 15.60 -1.93
CA ALA A 11 3.62 15.57 -3.24
C ALA A 11 2.53 15.59 -4.33
N ASN A 12 1.98 14.39 -4.54
CA ASN A 12 0.67 14.11 -3.97
C ASN A 12 0.47 12.60 -3.85
N CYS A 13 1.46 11.97 -3.17
CA CYS A 13 1.18 10.84 -2.30
C CYS A 13 -0.29 10.82 -1.85
N GLU A 14 -0.95 9.81 -2.44
CA GLU A 14 -2.25 9.41 -1.93
C GLU A 14 -2.21 9.25 -0.40
N TYR A 15 -1.63 8.11 0.02
CA TYR A 15 -0.83 8.18 1.23
C TYR A 15 0.28 9.21 1.05
N GLN A 16 1.49 8.75 1.41
CA GLN A 16 2.50 9.73 1.74
C GLN A 16 3.80 9.46 1.00
N CYS A 17 4.84 10.04 1.63
CA CYS A 17 6.13 10.07 1.00
C CYS A 17 7.16 9.41 1.91
N GLN A 18 8.38 9.34 1.36
CA GLN A 18 9.49 8.88 2.16
C GLN A 18 10.05 10.00 3.05
N PRO A 19 9.95 11.25 2.53
CA PRO A 19 10.41 11.60 1.19
C PRO A 19 11.79 11.10 0.83
N LEU A 20 11.80 10.58 -0.41
CA LEU A 20 12.91 10.68 -1.34
C LEU A 20 13.35 9.26 -1.63
N ASN A 21 14.06 8.83 -0.58
CA ASN A 21 15.39 8.28 -0.66
C ASN A 21 15.51 7.23 -1.76
N GLN A 22 16.29 7.63 -2.78
CA GLN A 22 16.51 6.76 -3.93
C GLN A 22 15.27 5.88 -4.20
N THR A 23 14.11 6.54 -4.05
CA THR A 23 13.46 7.03 -5.25
C THR A 23 14.01 8.37 -5.73
N SER A 24 14.29 9.16 -4.70
CA SER A 24 13.80 10.51 -4.67
C SER A 24 12.36 10.57 -5.16
N TYR A 25 11.65 11.38 -4.38
CA TYR A 25 10.60 10.88 -3.51
C TYR A 25 9.43 10.35 -4.34
N LEU A 26 8.63 9.57 -3.61
CA LEU A 26 8.01 8.46 -4.28
C LEU A 26 6.49 8.66 -4.30
N CYS A 27 5.78 7.60 -3.88
CA CYS A 27 4.96 7.77 -2.70
C CYS A 27 4.77 6.45 -1.96
N VAL A 28 4.86 6.59 -0.63
CA VAL A 28 4.55 5.45 0.21
C VAL A 28 3.05 5.20 0.23
N CYS A 29 2.75 4.00 0.77
CA CYS A 29 1.66 3.91 1.72
C CYS A 29 2.11 3.05 2.91
N ALA A 30 1.06 2.51 3.53
CA ALA A 30 1.24 1.63 4.67
C ALA A 30 1.92 0.32 4.26
N GLU A 31 3.23 0.27 4.55
CA GLU A 31 4.21 0.12 3.45
C GLU A 31 4.22 -1.24 2.75
N GLY A 32 3.18 -2.02 3.05
CA GLY A 32 2.70 -2.98 2.07
C GLY A 32 1.35 -2.53 1.45
N PHE A 33 1.27 -1.20 1.30
CA PHE A 33 0.38 -0.57 0.36
C PHE A 33 1.27 0.14 -0.67
N ALA A 34 0.99 -0.18 -1.94
CA ALA A 34 2.07 -0.08 -2.90
C ALA A 34 1.57 -0.50 -4.29
N PRO A 35 2.34 -0.01 -5.30
CA PRO A 35 1.77 0.40 -6.57
C PRO A 35 0.87 -0.66 -7.18
N ILE A 36 -0.39 -0.60 -6.72
CA ILE A 36 -1.51 -1.07 -7.51
C ILE A 36 -1.21 -0.92 -9.02
N PRO A 37 -2.02 -1.64 -9.84
CA PRO A 37 -2.44 -1.20 -11.16
C PRO A 37 -2.74 0.29 -11.38
N HIS A 38 -1.75 1.12 -11.01
CA HIS A 38 -1.16 2.03 -11.95
C HIS A 38 -0.27 3.02 -11.21
N GLU A 39 -0.88 4.20 -11.09
CA GLU A 39 -0.08 5.41 -11.05
C GLU A 39 1.11 5.20 -10.12
N PRO A 40 2.31 5.61 -10.62
CA PRO A 40 3.45 5.84 -9.75
C PRO A 40 3.16 6.94 -8.73
N HIS A 41 2.14 6.64 -7.91
CA HIS A 41 2.33 6.87 -6.48
C HIS A 41 1.83 5.73 -5.59
N ARG A 42 0.97 4.91 -6.19
CA ARG A 42 -0.18 4.47 -5.43
C ARG A 42 0.17 3.31 -4.53
N CYS A 43 -0.76 3.20 -3.59
CA CYS A 43 -1.14 1.90 -3.07
C CYS A 43 -2.48 1.47 -3.67
N GLN A 44 -2.74 0.17 -3.50
CA GLN A 44 -4.11 -0.25 -3.37
C GLN A 44 -4.16 -1.77 -3.28
N MET A 45 -3.85 -2.21 -2.05
CA MET A 45 -2.48 -2.20 -1.58
C MET A 45 -1.49 -2.57 -2.71
N PHE A 46 -0.23 -2.76 -2.28
CA PHE A 46 0.50 -3.86 -2.88
C PHE A 46 -0.37 -5.13 -2.81
N CYS A 47 -0.65 -5.65 -4.02
CA CYS A 47 -0.84 -7.08 -4.12
C CYS A 47 -0.18 -7.62 -5.39
N ASN A 48 1.15 -7.79 -5.26
CA ASN A 48 1.88 -8.28 -6.42
C ASN A 48 1.63 -9.78 -6.59
N GLN A 49 1.17 -10.10 -7.82
CA GLN A 49 0.43 -11.33 -7.97
C GLN A 49 1.41 -12.48 -8.26
N THR A 50 0.97 -13.67 -7.81
CA THR A 50 0.06 -14.43 -8.66
C THR A 50 -1.18 -14.82 -7.85
N ALA A 51 -2.07 -13.83 -7.75
CA ALA A 51 -2.69 -13.56 -6.46
C ALA A 51 -1.67 -13.73 -5.33
N CYS A 52 -1.54 -12.64 -4.57
CA CYS A 52 -2.32 -12.55 -3.34
C CYS A 52 -3.78 -12.85 -3.63
N PRO A 53 -4.26 -13.91 -2.94
CA PRO A 53 -5.56 -13.90 -2.29
C PRO A 53 -5.49 -13.31 -0.89
N ALA A 54 -6.71 -13.09 -0.39
CA ALA A 54 -7.17 -13.69 0.86
C ALA A 54 -6.24 -14.80 1.36
N ASP A 55 -6.89 -15.74 2.07
CA ASP A 55 -6.14 -16.70 2.85
C ASP A 55 -5.04 -15.97 3.63
N CYS A 56 -5.57 -15.06 4.46
CA CYS A 56 -4.98 -14.71 5.72
C CYS A 56 -4.25 -15.89 6.36
N ASP A 57 -4.12 -15.77 7.70
CA ASP A 57 -3.09 -16.53 8.38
C ASP A 57 -3.57 -17.99 8.55
N PRO A 58 -2.74 -18.74 9.32
CA PRO A 58 -3.23 -19.50 10.47
C PRO A 58 -3.72 -18.57 11.59
N ASN A 59 -2.76 -18.19 12.45
CA ASN A 59 -2.99 -18.38 13.87
C ASN A 59 -3.56 -17.14 14.57
N THR A 60 -3.04 -16.02 14.06
CA THR A 60 -2.92 -14.82 14.87
C THR A 60 -4.08 -13.81 14.64
N GLN A 61 -5.07 -14.26 13.84
CA GLN A 61 -5.52 -13.46 12.71
C GLN A 61 -5.39 -11.97 13.00
N ALA A 62 -4.12 -11.52 12.92
CA ALA A 62 -3.86 -10.13 12.60
C ALA A 62 -4.32 -9.73 11.18
N SER A 63 -5.32 -10.48 10.69
CA SER A 63 -5.14 -11.08 9.38
C SER A 63 -6.50 -11.53 8.83
N CYS A 64 -7.16 -10.53 8.22
CA CYS A 64 -6.89 -10.28 6.82
C CYS A 64 -6.76 -8.78 6.58
N GLU A 65 -5.52 -8.40 6.25
CA GLU A 65 -5.10 -7.06 6.59
C GLU A 65 -6.12 -6.05 6.10
N CYS A 66 -5.95 -5.90 4.80
CA CYS A 66 -6.06 -4.65 4.10
C CYS A 66 -7.52 -4.30 3.79
N PRO A 67 -8.38 -4.60 4.79
CA PRO A 67 -8.85 -3.60 5.74
C PRO A 67 -7.74 -2.83 6.46
N GLU A 68 -8.17 -1.67 6.98
CA GLU A 68 -7.76 -0.38 6.44
C GLU A 68 -6.47 -0.49 5.62
N GLY A 69 -6.71 -0.97 4.40
CA GLY A 69 -7.33 -0.09 3.43
C GLY A 69 -8.83 -0.35 3.41
N TYR A 70 -9.13 -1.65 3.22
CA TYR A 70 -10.18 -2.08 2.31
C TYR A 70 -10.49 -1.01 1.25
N ILE A 71 -10.69 -1.55 0.03
CA ILE A 71 -12.00 -2.08 -0.27
C ILE A 71 -11.86 -3.50 -0.81
N LEU A 72 -11.46 -4.39 0.13
CA LEU A 72 -12.02 -5.74 0.21
C LEU A 72 -13.14 -5.98 -0.80
N ASP A 73 -12.99 -7.14 -1.47
CA ASP A 73 -13.66 -8.35 -0.99
C ASP A 73 -14.00 -9.30 -2.15
N ASP A 74 -13.07 -9.29 -3.13
CA ASP A 74 -12.61 -10.49 -3.78
C ASP A 74 -12.71 -11.69 -2.83
N GLY A 75 -11.64 -12.50 -2.85
CA GLY A 75 -11.43 -13.49 -1.81
C GLY A 75 -11.95 -13.01 -0.47
N PHE A 76 -11.09 -12.12 0.00
CA PHE A 76 -11.20 -11.52 1.32
C PHE A 76 -9.99 -10.63 1.62
N ILE A 77 -9.57 -9.95 0.53
CA ILE A 77 -8.40 -10.52 -0.12
C ILE A 77 -7.14 -10.14 0.66
N CYS A 78 -5.99 -10.27 -0.04
CA CYS A 78 -4.94 -9.28 0.07
C CYS A 78 -3.83 -9.77 0.99
N THR A 79 -3.36 -10.99 0.63
CA THR A 79 -2.27 -11.56 1.38
C THR A 79 -2.02 -13.01 0.92
N ASP A 80 -1.56 -13.07 -0.35
CA ASP A 80 -0.19 -13.48 -0.63
C ASP A 80 0.37 -14.38 0.48
N ILE A 81 -0.10 -15.65 0.41
CA ILE A 81 0.83 -16.72 0.76
C ILE A 81 2.07 -16.82 -0.14
N ASP A 82 2.25 -15.78 -0.97
CA ASP A 82 2.78 -16.06 -2.30
C ASP A 82 4.11 -16.79 -2.18
N GLU A 83 5.13 -15.99 -1.80
CA GLU A 83 6.41 -16.11 -2.47
C GLU A 83 6.76 -17.59 -2.63
C1 NAG B . 17.81 8.44 3.55
C2 NAG B . 16.67 8.32 4.56
C3 NAG B . 17.20 8.14 5.99
C4 NAG B . 18.47 8.96 6.22
C5 NAG B . 19.51 8.77 5.12
C6 NAG B . 20.79 8.13 5.67
C7 NAG B . 14.51 9.35 4.60
C8 NAG B . 13.79 9.61 3.27
N2 NAG B . 15.84 9.51 4.51
O3 NAG B . 17.47 6.78 6.22
O4 NAG B . 18.13 10.32 6.31
O5 NAG B . 19.00 7.93 4.11
O6 NAG B . 21.73 7.92 4.64
O7 NAG B . 13.90 9.04 5.61
H1 NAG B . 17.96 9.48 3.24
H2 NAG B . 16.02 7.49 4.30
H3 NAG B . 16.43 8.45 6.69
H4 NAG B . 18.90 8.68 7.18
H5 NAG B . 19.76 9.73 4.68
H61 NAG B . 20.58 7.17 6.13
H62 NAG B . 21.25 8.77 6.42
H81 NAG B . 14.40 10.27 2.64
H82 NAG B . 13.63 8.67 2.75
H83 NAG B . 12.82 10.08 3.46
HN2 NAG B . 16.24 10.41 4.41
HO3 NAG B . 17.91 6.73 7.05
HO4 NAG B . 18.72 10.71 6.94
HO6 NAG B . 22.38 7.33 4.98
C1 NAG C . 3.70 -6.26 -8.54
C2 NAG C . 4.37 -4.93 -8.24
C3 NAG C . 4.14 -3.87 -9.33
C4 NAG C . 2.81 -4.00 -10.07
C5 NAG C . 2.31 -5.45 -10.20
C6 NAG C . 1.80 -5.75 -11.61
C7 NAG C . 2.57 -4.08 -6.86
C8 NAG C . 2.34 -2.99 -5.81
N2 NAG C . 3.86 -4.45 -6.97
O3 NAG C . 5.19 -3.94 -10.26
O4 NAG C . 1.84 -3.23 -9.42
O5 NAG C . 3.34 -6.33 -9.90
O6 NAG C . 2.14 -7.06 -11.98
O7 NAG C . 1.65 -4.56 -7.52
H1 NAG C . 2.83 -6.39 -7.91
H2 NAG C . 5.43 -5.07 -8.08
H3 NAG C . 4.19 -2.89 -8.87
H4 NAG C . 2.92 -3.58 -11.07
H5 NAG C . 1.49 -5.60 -9.49
H61 NAG C . 2.25 -5.06 -12.33
H62 NAG C . 0.72 -5.65 -11.67
H81 NAG C . 2.51 -3.39 -4.81
H82 NAG C . 3.03 -2.17 -5.99
H83 NAG C . 1.32 -2.63 -5.88
HN2 NAG C . 4.44 -4.50 -6.15
HO3 NAG C . 4.84 -3.65 -11.10
HO4 NAG C . 1.01 -3.66 -9.55
HO6 NAG C . 1.73 -7.22 -12.83
N HIS A 1 2.77 30.70 -6.18
CA HIS A 1 1.56 30.49 -5.38
C HIS A 1 1.87 29.70 -4.12
N MET A 2 2.55 28.56 -4.37
CA MET A 2 2.25 27.41 -3.55
C MET A 2 2.89 27.56 -2.17
N GLU A 3 2.39 26.69 -1.27
CA GLU A 3 3.24 25.77 -0.51
C GLU A 3 4.74 26.09 -0.69
N PRO A 4 5.49 25.83 0.41
CA PRO A 4 6.94 25.81 0.38
C PRO A 4 7.51 24.58 -0.35
N VAL A 5 6.72 24.16 -1.36
CA VAL A 5 6.52 22.74 -1.60
C VAL A 5 7.71 21.91 -1.14
N ASP A 6 7.31 20.83 -0.45
CA ASP A 6 8.12 19.62 -0.34
C ASP A 6 9.24 19.59 -1.38
N PRO A 7 10.37 18.98 -0.92
CA PRO A 7 10.73 17.62 -1.27
C PRO A 7 9.74 16.59 -0.71
N CYS A 8 9.82 16.44 0.63
CA CYS A 8 8.80 15.69 1.33
C CYS A 8 7.81 16.58 2.12
N PHE A 9 8.15 17.89 2.19
CA PHE A 9 7.53 18.76 3.17
C PHE A 9 6.06 18.45 3.33
N ARG A 10 5.45 18.82 2.21
CA ARG A 10 3.99 18.86 2.12
C ARG A 10 3.35 17.54 1.65
N ALA A 11 4.21 16.50 1.59
CA ALA A 11 3.93 15.40 0.69
C ALA A 11 2.52 14.85 0.96
N ASN A 12 1.69 14.95 -0.09
CA ASN A 12 0.31 14.53 0.11
C ASN A 12 0.15 13.01 -0.09
N CYS A 13 1.19 12.31 0.39
CA CYS A 13 1.05 11.03 1.04
C CYS A 13 -0.37 10.83 1.58
N GLU A 14 -1.04 9.94 0.84
CA GLU A 14 -2.22 9.29 1.39
C GLU A 14 -1.90 8.68 2.76
N TYR A 15 -0.91 7.77 2.74
CA TYR A 15 -0.07 7.65 3.92
C TYR A 15 0.86 8.85 4.02
N GLN A 16 2.13 8.53 4.31
CA GLN A 16 3.00 9.57 4.80
C GLN A 16 4.24 9.76 3.92
N CYS A 17 5.20 10.40 4.62
CA CYS A 17 6.29 11.07 3.92
C CYS A 17 7.64 10.52 4.40
N GLN A 18 8.58 10.52 3.44
CA GLN A 18 9.96 10.24 3.78
C GLN A 18 10.79 11.54 3.64
N PRO A 19 11.90 11.49 2.88
CA PRO A 19 11.93 11.19 1.45
C PRO A 19 12.67 9.88 1.13
N LEU A 20 12.10 9.11 0.18
CA LEU A 20 12.80 8.73 -1.03
C LEU A 20 13.77 9.84 -1.38
N ASN A 21 14.96 9.48 -0.92
CA ASN A 21 15.90 10.53 -0.50
C ASN A 21 16.77 11.06 -1.64
N GLN A 22 16.99 10.19 -2.63
CA GLN A 22 17.80 10.63 -3.76
C GLN A 22 17.01 11.62 -4.65
N THR A 23 16.23 12.48 -3.97
CA THR A 23 14.85 12.09 -3.77
C THR A 23 14.19 11.69 -5.08
N SER A 24 13.43 10.60 -4.91
CA SER A 24 12.09 10.61 -5.48
C SER A 24 11.07 11.38 -4.62
N TYR A 25 11.40 11.35 -3.32
CA TYR A 25 10.52 11.08 -2.20
C TYR A 25 9.22 10.42 -2.66
N LEU A 26 8.52 9.90 -1.65
CA LEU A 26 7.72 8.75 -1.96
C LEU A 26 6.24 9.10 -1.75
N CYS A 27 5.48 8.09 -1.25
CA CYS A 27 4.83 8.31 0.03
C CYS A 27 4.60 6.98 0.73
N VAL A 28 5.06 7.01 1.99
CA VAL A 28 5.31 5.74 2.66
C VAL A 28 4.05 4.90 2.58
N CYS A 29 4.21 3.64 3.00
CA CYS A 29 2.97 2.91 3.15
C CYS A 29 3.08 1.87 4.27
N ALA A 30 2.03 1.05 4.21
CA ALA A 30 1.71 0.29 5.42
C ALA A 30 2.69 -0.87 5.69
N GLU A 31 3.91 -0.67 5.16
CA GLU A 31 4.26 -1.29 3.90
C GLU A 31 3.80 -2.75 3.83
N GLY A 32 3.99 -3.30 2.63
CA GLY A 32 3.02 -4.28 2.13
C GLY A 32 1.80 -3.60 1.49
N PHE A 33 2.07 -2.44 0.87
CA PHE A 33 1.03 -1.48 0.58
C PHE A 33 1.62 -0.44 -0.38
N ALA A 34 1.25 -0.62 -1.66
CA ALA A 34 1.95 0.14 -2.67
C ALA A 34 0.92 0.73 -3.63
N PRO A 35 1.45 1.47 -4.64
CA PRO A 35 0.74 1.70 -5.88
C PRO A 35 -0.13 0.51 -6.31
N ILE A 36 -1.36 0.56 -5.78
CA ILE A 36 -2.53 0.70 -6.66
C ILE A 36 -2.18 1.63 -7.84
N PRO A 37 -2.94 1.50 -8.96
CA PRO A 37 -3.17 2.61 -9.87
C PRO A 37 -3.00 4.02 -9.33
N HIS A 38 -2.76 4.90 -10.33
CA HIS A 38 -2.86 6.34 -10.19
C HIS A 38 -2.00 6.90 -9.05
N GLU A 39 -2.75 7.40 -8.08
CA GLU A 39 -2.56 8.73 -7.51
C GLU A 39 -1.28 8.93 -6.66
N PRO A 40 -0.08 8.74 -7.24
CA PRO A 40 1.04 8.06 -6.56
C PRO A 40 1.39 8.54 -5.11
N HIS A 41 0.45 8.25 -4.17
CA HIS A 41 0.71 7.89 -2.78
C HIS A 41 0.53 6.38 -2.54
N ARG A 42 -0.73 6.09 -2.19
CA ARG A 42 -1.61 5.16 -2.91
C ARG A 42 -2.14 4.04 -2.07
N CYS A 43 -1.12 3.48 -1.45
CA CYS A 43 -1.18 2.16 -0.87
C CYS A 43 -2.60 1.73 -0.58
N GLN A 44 -2.99 0.72 -1.36
CA GLN A 44 -4.35 0.28 -1.21
C GLN A 44 -4.50 -1.18 -1.64
N MET A 45 -4.17 -2.04 -0.67
CA MET A 45 -2.83 -2.62 -0.65
C MET A 45 -2.34 -2.91 -2.07
N PHE A 46 -1.01 -3.10 -2.15
CA PHE A 46 -0.51 -3.82 -3.31
C PHE A 46 -0.66 -5.32 -3.08
N CYS A 47 -1.56 -5.91 -3.89
CA CYS A 47 -1.20 -7.17 -4.51
C CYS A 47 -1.49 -7.12 -6.02
N ASN A 48 -0.65 -7.87 -6.74
CA ASN A 48 0.65 -7.33 -7.07
C ASN A 48 0.81 -7.19 -8.59
N GLN A 49 -0.31 -6.79 -9.23
CA GLN A 49 -1.11 -7.76 -9.96
C GLN A 49 -1.00 -9.16 -9.35
N THR A 50 -2.02 -9.46 -8.52
CA THR A 50 -2.65 -10.76 -8.67
C THR A 50 -1.58 -11.86 -8.60
N ALA A 51 -2.03 -13.03 -9.07
CA ALA A 51 -2.67 -13.93 -8.12
C ALA A 51 -1.91 -14.00 -6.82
N CYS A 52 -2.05 -12.89 -6.08
CA CYS A 52 -3.03 -12.84 -5.03
C CYS A 52 -4.41 -13.21 -5.57
N PRO A 53 -4.82 -14.43 -5.16
CA PRO A 53 -5.76 -14.64 -4.08
C PRO A 53 -5.19 -14.17 -2.75
N ALA A 54 -6.06 -14.29 -1.74
CA ALA A 54 -5.52 -14.33 -0.40
C ALA A 54 -4.45 -15.43 -0.31
N ASP A 55 -3.87 -15.48 0.90
CA ASP A 55 -3.86 -16.73 1.63
C ASP A 55 -3.76 -16.48 3.14
N CYS A 56 -4.42 -15.38 3.57
CA CYS A 56 -4.15 -14.82 4.85
C CYS A 56 -4.02 -15.92 5.91
N ASP A 57 -3.35 -15.51 7.01
CA ASP A 57 -3.42 -16.34 8.19
C ASP A 57 -4.83 -16.25 8.79
N PRO A 58 -5.40 -17.43 9.14
CA PRO A 58 -6.69 -17.50 9.79
C PRO A 58 -6.67 -16.84 11.17
N ASN A 59 -5.69 -17.30 11.97
CA ASN A 59 -5.86 -17.29 13.40
C ASN A 59 -6.02 -15.86 13.89
N THR A 60 -4.91 -15.20 13.59
CA THR A 60 -4.53 -14.00 14.31
C THR A 60 -4.69 -12.71 13.47
N GLN A 61 -5.38 -12.85 12.34
CA GLN A 61 -4.86 -12.29 11.10
C GLN A 61 -4.51 -10.81 11.29
N ALA A 62 -3.25 -10.62 11.76
CA ALA A 62 -2.50 -9.48 11.27
C ALA A 62 -2.24 -9.47 9.75
N SER A 63 -2.96 -10.38 9.05
CA SER A 63 -2.30 -11.05 7.94
C SER A 63 -3.23 -11.23 6.72
N CYS A 64 -4.30 -10.42 6.69
CA CYS A 64 -5.18 -10.46 5.53
C CYS A 64 -5.46 -9.04 5.07
N GLU A 65 -4.37 -8.38 4.65
CA GLU A 65 -4.09 -7.06 5.22
C GLU A 65 -4.94 -5.92 4.64
N CYS A 66 -5.89 -6.34 3.79
CA CYS A 66 -6.16 -5.64 2.57
C CYS A 66 -7.56 -5.03 2.61
N PRO A 67 -7.93 -4.43 1.45
CA PRO A 67 -7.97 -2.98 1.30
C PRO A 67 -8.82 -2.33 2.40
N GLU A 68 -9.41 -1.18 2.01
CA GLU A 68 -10.29 -0.45 2.93
C GLU A 68 -10.96 -1.37 3.94
N GLY A 69 -11.45 -2.44 3.30
CA GLY A 69 -11.82 -3.63 4.02
C GLY A 69 -11.03 -4.83 3.49
N TYR A 70 -11.04 -4.91 2.15
CA TYR A 70 -12.31 -5.10 1.47
C TYR A 70 -13.23 -6.05 2.25
N ILE A 71 -14.41 -6.25 1.65
CA ILE A 71 -15.15 -7.46 1.95
C ILE A 71 -14.98 -8.48 0.81
N LEU A 72 -13.73 -8.54 0.31
CA LEU A 72 -12.84 -9.59 0.72
C LEU A 72 -13.60 -10.91 0.89
N ASP A 73 -13.00 -11.95 0.27
CA ASP A 73 -13.72 -12.60 -0.80
C ASP A 73 -13.07 -13.96 -1.08
N ASP A 74 -13.01 -14.29 -2.39
CA ASP A 74 -11.84 -14.97 -2.91
C ASP A 74 -11.30 -15.98 -1.88
N GLY A 75 -9.96 -16.02 -1.81
CA GLY A 75 -9.34 -16.55 -0.60
C GLY A 75 -9.62 -15.73 0.68
N PHE A 76 -10.06 -14.49 0.42
CA PHE A 76 -10.14 -13.41 1.40
C PHE A 76 -9.45 -12.13 0.87
N ILE A 77 -9.51 -11.98 -0.46
CA ILE A 77 -8.25 -11.95 -1.17
C ILE A 77 -7.31 -10.88 -0.62
N CYS A 78 -6.01 -11.23 -0.80
CA CYS A 78 -4.97 -10.53 -0.08
C CYS A 78 -3.60 -10.84 -0.71
N THR A 79 -3.11 -12.05 -0.38
CA THR A 79 -1.77 -12.39 -0.82
C THR A 79 -1.68 -13.90 -1.08
N ASP A 80 -1.58 -14.23 -2.38
CA ASP A 80 -0.27 -14.41 -2.98
C ASP A 80 0.68 -15.14 -2.04
N ILE A 81 1.87 -15.40 -2.60
CA ILE A 81 2.18 -16.77 -2.97
C ILE A 81 1.68 -17.74 -1.89
N ASP A 82 1.37 -18.95 -2.39
CA ASP A 82 1.24 -20.06 -1.46
C ASP A 82 2.48 -20.14 -0.56
N GLU A 83 2.37 -21.05 0.42
CA GLU A 83 3.57 -21.50 1.08
C GLU A 83 3.43 -22.97 1.47
C1 NAG B . 18.51 6.65 0.75
C2 NAG B . 17.62 5.51 0.29
C3 NAG B . 18.35 4.62 -0.72
C4 NAG B . 19.85 4.58 -0.44
C5 NAG B . 20.47 5.98 -0.34
C6 NAG B . 21.35 6.30 -1.55
C7 NAG B . 15.92 4.52 1.67
C8 NAG B . 15.19 5.80 2.11
N2 NAG B . 17.23 4.71 1.44
O3 NAG B . 18.12 5.10 -2.02
O4 NAG B . 20.08 3.88 0.76
O5 NAG B . 19.45 6.95 -0.25
O6 NAG B . 22.57 6.85 -1.14
O7 NAG B . 15.32 3.46 1.54
H1 NAG B . 19.02 6.41 1.68
H2 NAG B . 16.69 5.89 -0.15
H3 NAG B . 17.94 3.60 -0.67
H4 NAG B . 20.35 4.02 -1.23
H5 NAG B . 21.08 6.04 0.56
H61 NAG B . 20.86 7.02 -2.21
H62 NAG B . 21.56 5.40 -2.12
H81 NAG B . 15.04 5.78 3.18
H82 NAG B . 15.81 6.67 1.87
H83 NAG B . 14.24 5.88 1.60
HN2 NAG B . 17.92 4.31 2.04
HO3 NAG B . 18.76 5.78 -2.17
HO4 NAG B . 19.25 3.82 1.20
HO6 NAG B . 22.48 7.08 -0.23
C1 NAG C . 4.68 -7.48 -4.47
C2 NAG C . 4.80 -7.09 -3.01
C3 NAG C . 5.96 -7.83 -2.33
C4 NAG C . 7.09 -8.16 -3.31
C5 NAG C . 6.59 -8.81 -4.61
C6 NAG C . 7.06 -10.26 -4.72
C7 NAG C . 4.68 -5.05 -1.76
C8 NAG C . 4.17 -3.62 -1.97
N2 NAG C . 5.03 -5.66 -2.90
O3 NAG C . 5.49 -9.01 -1.74
O4 NAG C . 7.80 -6.99 -3.62
O5 NAG C . 5.19 -8.78 -4.65
O6 NAG C . 7.52 -10.52 -6.03
O7 NAG C . 4.75 -5.55 -0.64
H1 NAG C . 5.20 -6.78 -5.12
H2 NAG C . 3.87 -7.29 -2.48
H3 NAG C . 6.35 -7.20 -1.52
H4 NAG C . 7.79 -8.83 -2.82
H5 NAG C . 6.98 -8.25 -5.45
H61 NAG C . 6.25 -10.95 -4.50
H62 NAG C . 7.88 -10.46 -4.03
H81 NAG C . 3.18 -3.52 -1.53
H82 NAG C . 4.84 -2.91 -1.51
H83 NAG C . 4.10 -3.40 -3.04
HN2 NAG C . 5.41 -5.14 -3.67
HO3 NAG C . 5.80 -9.01 -0.85
HO4 NAG C . 8.72 -7.18 -3.49
HO6 NAG C . 7.16 -9.85 -6.58
N HIS A 1 4.66 30.09 -6.34
CA HIS A 1 4.06 28.99 -5.60
C HIS A 1 5.14 28.02 -5.10
N MET A 2 5.33 28.08 -3.77
CA MET A 2 6.04 27.00 -3.13
C MET A 2 5.14 25.77 -3.02
N GLU A 3 5.73 24.66 -3.50
CA GLU A 3 6.85 24.11 -2.76
C GLU A 3 7.56 23.06 -3.63
N PRO A 4 8.89 22.98 -3.40
CA PRO A 4 9.75 22.02 -4.09
C PRO A 4 9.49 20.56 -3.70
N VAL A 5 8.22 20.34 -3.30
CA VAL A 5 7.89 19.56 -2.13
C VAL A 5 9.09 18.81 -1.55
N ASP A 6 9.21 19.07 -0.23
CA ASP A 6 10.41 18.66 0.47
C ASP A 6 10.67 17.17 0.31
N PRO A 7 11.54 16.69 1.22
CA PRO A 7 11.15 15.80 2.29
C PRO A 7 9.87 16.29 2.96
N CYS A 8 8.84 16.14 2.12
CA CYS A 8 7.51 15.79 2.57
C CYS A 8 6.78 16.87 3.39
N PHE A 9 7.54 17.93 3.66
CA PHE A 9 6.93 19.17 4.12
C PHE A 9 5.55 19.40 3.52
N ARG A 10 5.56 19.11 2.21
CA ARG A 10 4.39 19.36 1.37
C ARG A 10 3.62 18.08 0.98
N ALA A 11 3.97 17.00 1.69
CA ALA A 11 3.44 15.69 1.33
C ALA A 11 1.93 15.79 1.06
N ASN A 12 1.43 14.67 0.49
CA ASN A 12 0.27 14.07 1.11
C ASN A 12 0.00 12.69 0.51
N CYS A 13 1.00 11.81 0.78
CA CYS A 13 0.80 10.63 1.60
C CYS A 13 -0.55 10.66 2.33
N GLU A 14 -1.41 9.78 1.81
CA GLU A 14 -2.54 9.35 2.60
C GLU A 14 -2.09 9.01 4.03
N TYR A 15 -1.23 7.97 4.07
CA TYR A 15 -0.34 7.89 5.22
C TYR A 15 0.70 9.01 5.12
N GLN A 16 1.94 8.61 5.44
CA GLN A 16 3.00 9.60 5.44
C GLN A 16 4.05 9.30 4.37
N CYS A 17 5.22 9.88 4.68
CA CYS A 17 6.28 9.98 3.69
C CYS A 17 7.38 8.98 4.01
N GLN A 18 7.85 8.34 2.92
CA GLN A 18 9.19 8.65 2.47
C GLN A 18 9.19 10.07 1.91
N PRO A 19 10.35 10.74 2.09
CA PRO A 19 11.27 11.12 1.02
C PRO A 19 11.99 9.94 0.37
N LEU A 20 11.35 9.47 -0.71
CA LEU A 20 11.92 9.56 -2.04
C LEU A 20 11.93 8.14 -2.63
N ASN A 21 12.82 7.46 -1.94
CA ASN A 21 13.42 6.18 -2.29
C ASN A 21 12.74 5.55 -3.49
N GLN A 22 13.57 5.44 -4.55
CA GLN A 22 13.08 4.84 -5.77
C GLN A 22 12.20 5.85 -6.51
N THR A 23 11.31 6.45 -5.71
CA THR A 23 10.23 7.20 -6.33
C THR A 23 10.60 8.65 -6.62
N SER A 24 11.32 9.17 -5.64
CA SER A 24 11.17 10.54 -5.28
C SER A 24 9.71 10.82 -4.94
N TYR A 25 9.62 11.39 -3.73
CA TYR A 25 8.94 10.74 -2.61
C TYR A 25 7.51 10.37 -2.99
N LEU A 26 7.04 9.47 -2.11
CA LEU A 26 6.26 8.38 -2.63
C LEU A 26 4.86 8.38 -2.02
N CYS A 27 4.67 7.35 -1.20
CA CYS A 27 4.10 7.56 0.12
C CYS A 27 3.91 6.21 0.83
N VAL A 28 3.86 6.30 2.17
CA VAL A 28 4.53 5.30 2.98
C VAL A 28 3.94 3.90 2.84
N CYS A 29 2.62 3.94 2.67
CA CYS A 29 1.64 3.30 3.50
C CYS A 29 2.09 1.92 3.99
N ALA A 30 1.14 1.49 4.82
CA ALA A 30 1.42 0.65 5.96
C ALA A 30 1.96 -0.71 5.47
N GLU A 31 3.29 -0.76 5.38
CA GLU A 31 3.90 -1.52 4.31
C GLU A 31 3.15 -2.81 4.04
N GLY A 32 3.18 -3.16 2.75
CA GLY A 32 2.04 -3.83 2.15
C GLY A 32 0.74 -3.04 2.33
N PHE A 33 0.92 -1.70 2.26
CA PHE A 33 -0.14 -0.83 1.80
C PHE A 33 0.52 0.33 1.06
N ALA A 34 0.11 0.45 -0.21
CA ALA A 34 1.08 0.95 -1.18
C ALA A 34 0.44 0.97 -2.57
N PRO A 35 0.85 2.00 -3.33
CA PRO A 35 -0.03 2.64 -4.29
C PRO A 35 -0.78 1.59 -5.12
N ILE A 36 -1.99 1.30 -4.60
CA ILE A 36 -3.14 1.09 -5.48
C ILE A 36 -2.96 1.83 -6.82
N PRO A 37 -3.36 1.15 -7.91
CA PRO A 37 -3.47 1.78 -9.21
C PRO A 37 -3.95 3.23 -9.16
N HIS A 38 -3.89 3.82 -10.36
CA HIS A 38 -3.35 5.17 -10.53
C HIS A 38 -2.44 5.56 -9.37
N GLU A 39 -3.04 6.42 -8.56
CA GLU A 39 -2.33 7.48 -7.89
C GLU A 39 -1.03 6.94 -7.28
N PRO A 40 0.10 7.54 -7.71
CA PRO A 40 1.32 7.54 -6.94
C PRO A 40 1.21 8.42 -5.69
N HIS A 41 0.41 7.90 -4.74
CA HIS A 41 0.89 7.89 -3.36
C HIS A 41 0.49 6.64 -2.57
N ARG A 42 -0.60 6.04 -3.05
CA ARG A 42 -1.60 5.60 -2.11
C ARG A 42 -1.18 4.29 -1.46
N CYS A 43 -2.08 3.92 -0.54
CA CYS A 43 -2.35 2.52 -0.33
C CYS A 43 -3.75 2.17 -0.82
N GLN A 44 -3.91 0.85 -1.05
CA GLN A 44 -5.25 0.30 -1.08
C GLN A 44 -5.19 -1.12 -1.63
N MET A 45 -4.87 -2.03 -0.70
CA MET A 45 -3.46 -2.22 -0.35
C MET A 45 -2.58 -2.12 -1.61
N PHE A 46 -1.26 -2.15 -1.34
CA PHE A 46 -0.44 -2.97 -2.21
C PHE A 46 -1.01 -4.39 -2.22
N CYS A 47 -1.33 -4.82 -3.45
CA CYS A 47 -0.55 -5.90 -4.04
C CYS A 47 -1.00 -6.13 -5.48
N ASN A 48 0.01 -6.09 -6.36
CA ASN A 48 0.05 -7.08 -7.43
C ASN A 48 1.48 -7.56 -7.64
N GLN A 49 1.90 -8.39 -6.67
CA GLN A 49 2.56 -9.62 -7.07
C GLN A 49 2.85 -10.46 -5.81
N THR A 50 4.10 -11.00 -5.78
CA THR A 50 4.21 -12.42 -5.54
C THR A 50 4.53 -12.68 -4.07
N ALA A 51 5.47 -11.86 -3.57
CA ALA A 51 5.08 -10.86 -2.59
C ALA A 51 4.07 -11.45 -1.59
N CYS A 52 3.10 -10.60 -1.21
CA CYS A 52 1.89 -11.13 -0.62
C CYS A 52 1.44 -12.38 -1.39
N PRO A 53 1.16 -13.43 -0.59
CA PRO A 53 -0.01 -14.27 -0.77
C PRO A 53 -1.15 -13.78 0.11
N ALA A 54 -2.33 -13.91 -0.49
CA ALA A 54 -3.33 -14.91 -0.11
C ALA A 54 -2.95 -15.65 1.18
N ASP A 55 -3.58 -16.83 1.30
CA ASP A 55 -3.49 -17.59 2.52
C ASP A 55 -3.63 -16.64 3.71
N CYS A 56 -4.81 -15.98 3.68
CA CYS A 56 -5.55 -15.69 4.86
C CYS A 56 -5.25 -16.68 5.99
N ASP A 57 -5.53 -16.17 7.20
CA ASP A 57 -4.43 -15.76 8.04
C ASP A 57 -4.78 -15.98 9.51
N PRO A 58 -3.89 -16.75 10.15
CA PRO A 58 -4.19 -18.11 10.57
C PRO A 58 -5.44 -18.19 11.46
N ASN A 59 -5.58 -17.13 12.27
CA ASN A 59 -6.72 -17.11 13.18
C ASN A 59 -7.99 -16.53 12.53
N THR A 60 -7.70 -15.51 11.75
CA THR A 60 -8.70 -14.48 11.48
C THR A 60 -9.54 -14.74 10.21
N GLN A 61 -9.08 -15.73 9.43
CA GLN A 61 -9.40 -15.82 8.02
C GLN A 61 -9.82 -14.46 7.44
N ALA A 62 -10.52 -14.54 6.31
CA ALA A 62 -10.64 -13.35 5.49
C ALA A 62 -9.25 -12.77 5.26
N SER A 63 -9.00 -11.77 6.10
CA SER A 63 -7.67 -11.20 6.29
C SER A 63 -6.89 -11.28 4.98
N CYS A 64 -7.61 -10.89 3.91
CA CYS A 64 -7.02 -11.02 2.59
C CYS A 64 -7.52 -9.88 1.71
N GLU A 65 -6.88 -8.71 1.92
CA GLU A 65 -7.60 -7.61 2.53
C GLU A 65 -8.32 -6.68 1.53
N CYS A 66 -8.04 -6.96 0.26
CA CYS A 66 -7.92 -5.95 -0.76
C CYS A 66 -9.28 -5.40 -1.15
N PRO A 67 -9.19 -4.19 -1.74
CA PRO A 67 -9.75 -2.99 -1.16
C PRO A 67 -11.28 -2.98 -1.23
N GLU A 68 -11.69 -2.59 -2.43
CA GLU A 68 -12.96 -1.89 -2.50
C GLU A 68 -14.18 -2.81 -2.36
N GLY A 69 -13.92 -4.04 -1.89
CA GLY A 69 -14.68 -5.15 -2.43
C GLY A 69 -13.76 -6.25 -2.96
N TYR A 70 -12.74 -6.58 -2.14
CA TYR A 70 -12.72 -7.73 -1.22
C TYR A 70 -13.65 -8.92 -1.59
N ILE A 71 -14.11 -8.96 -2.85
CA ILE A 71 -13.79 -10.11 -3.67
C ILE A 71 -12.39 -9.91 -4.26
N LEU A 72 -11.43 -9.95 -3.32
CA LEU A 72 -10.70 -11.18 -3.12
C LEU A 72 -10.34 -11.80 -4.47
N ASP A 73 -9.01 -11.96 -4.65
CA ASP A 73 -8.36 -11.19 -5.68
C ASP A 73 -6.96 -11.76 -5.93
N ASP A 74 -6.51 -11.52 -7.18
CA ASP A 74 -6.19 -12.64 -8.04
C ASP A 74 -5.52 -13.76 -7.25
N GLY A 75 -6.39 -14.44 -6.48
CA GLY A 75 -6.02 -15.75 -5.99
C GLY A 75 -6.76 -16.08 -4.70
N PHE A 76 -6.54 -15.11 -3.83
CA PHE A 76 -7.17 -15.05 -2.53
C PHE A 76 -6.50 -14.01 -1.62
N ILE A 77 -5.94 -12.97 -2.31
CA ILE A 77 -4.55 -12.68 -2.05
C ILE A 77 -4.40 -12.08 -0.64
N CYS A 78 -3.30 -11.34 -0.47
CA CYS A 78 -3.36 -9.91 -0.23
C CYS A 78 -2.18 -9.51 0.67
N THR A 79 -2.19 -10.16 1.84
CA THR A 79 -1.33 -9.68 2.91
C THR A 79 -0.09 -10.57 3.03
N ASP A 80 0.94 -10.14 2.29
CA ASP A 80 2.23 -9.98 2.92
C ASP A 80 2.07 -9.22 4.25
N ILE A 81 3.12 -8.43 4.56
CA ILE A 81 3.98 -8.77 5.67
C ILE A 81 4.19 -10.29 5.74
N ASP A 82 5.47 -10.62 6.02
CA ASP A 82 5.78 -12.01 6.24
C ASP A 82 5.30 -12.84 5.04
N GLU A 83 5.01 -14.11 5.34
CA GLU A 83 6.06 -15.10 5.21
C GLU A 83 6.35 -15.36 3.73
C1 NAG B . 15.91 4.60 1.60
C2 NAG B . 15.89 5.32 2.95
C3 NAG B . 17.10 4.98 3.81
C4 NAG B . 17.43 3.48 3.77
C5 NAG B . 17.37 2.93 2.34
C6 NAG B . 17.59 1.42 2.30
C7 NAG B . 15.07 7.50 3.51
C8 NAG B . 13.91 8.14 2.75
N2 NAG B . 15.86 6.75 2.72
O3 NAG B . 16.87 5.37 5.13
O4 NAG B . 18.72 3.28 4.29
O5 NAG B . 16.10 3.22 1.79
O6 NAG B . 16.48 0.74 2.82
O7 NAG B . 15.23 7.67 4.71
H1 NAG B . 16.70 4.99 0.96
H2 NAG B . 14.96 5.09 3.48
H3 NAG B . 17.97 5.54 3.45
H4 NAG B . 16.73 2.94 4.40
H5 NAG B . 18.12 3.42 1.72
H61 NAG B . 18.47 1.15 2.90
H62 NAG B . 17.75 1.07 1.28
H81 NAG B . 13.85 7.73 1.75
H82 NAG B . 12.97 7.95 3.27
H83 NAG B . 14.06 9.22 2.69
HN2 NAG B . 16.41 7.17 1.99
HO3 NAG B . 17.02 6.31 5.17
HO4 NAG B . 18.60 2.88 5.14
HO6 NAG B . 16.29 1.11 3.67
C1 NAG C . 1.08 -3.14 -8.69
C2 NAG C . 2.36 -2.86 -7.91
C3 NAG C . 3.28 -1.81 -8.54
C4 NAG C . 2.57 -0.74 -9.39
C5 NAG C . 1.21 -1.17 -9.92
C6 NAG C . 0.94 -0.61 -11.31
C7 NAG C . 1.45 -1.28 -6.32
C8 NAG C . 1.46 -0.88 -4.84
N2 NAG C . 2.01 -2.48 -6.55
O3 NAG C . 4.23 -2.47 -9.34
O4 NAG C . 2.46 0.45 -8.66
O5 NAG C . 1.16 -2.57 -9.97
O6 NAG C . 1.79 -1.20 -12.26
O7 NAG C . 0.97 -0.54 -7.18
H1 NAG C . 0.22 -2.73 -8.16
H2 NAG C . 2.91 -3.80 -7.80
H3 NAG C . 3.83 -1.31 -7.74
H4 NAG C . 3.21 -0.52 -10.25
H5 NAG C . 0.43 -0.82 -9.24
H61 NAG C . 1.11 0.47 -11.33
H62 NAG C . -0.09 -0.79 -11.62
H81 NAG C . 0.72 -1.45 -4.29
H82 NAG C . 2.44 -1.04 -4.41
H83 NAG C . 1.20 0.17 -4.76
HN2 NAG C . 2.09 -3.15 -5.81
HO3 NAG C . 3.77 -2.77 -10.11
HO4 NAG C . 2.96 1.10 -9.12
HO6 NAG C . 1.56 -2.11 -12.30
N HIS A 1 8.06 28.87 -7.43
CA HIS A 1 6.98 28.64 -6.49
C HIS A 1 6.05 27.52 -6.97
N MET A 2 6.63 26.32 -6.95
CA MET A 2 5.84 25.18 -6.52
C MET A 2 6.05 24.91 -5.03
N GLU A 3 5.52 23.74 -4.67
CA GLU A 3 4.43 23.74 -3.71
C GLU A 3 4.91 23.14 -2.39
N PRO A 4 5.49 24.03 -1.56
CA PRO A 4 6.84 23.87 -1.08
C PRO A 4 7.06 22.50 -0.44
N VAL A 5 8.34 22.11 -0.44
CA VAL A 5 8.71 20.93 -1.19
C VAL A 5 9.72 20.10 -0.40
N ASP A 6 9.23 19.66 0.77
CA ASP A 6 9.23 18.25 1.12
C ASP A 6 10.43 17.50 0.56
N PRO A 7 10.98 16.67 1.47
CA PRO A 7 10.70 15.25 1.51
C PRO A 7 9.27 14.90 1.97
N CYS A 8 9.08 15.09 3.29
CA CYS A 8 7.79 14.69 3.82
C CYS A 8 6.79 15.86 3.92
N PHE A 9 7.30 17.09 3.77
CA PHE A 9 6.37 18.21 3.67
C PHE A 9 5.21 17.85 2.76
N ARG A 10 4.18 18.69 2.86
CA ARG A 10 3.18 18.67 1.80
C ARG A 10 2.36 17.35 1.72
N ALA A 11 2.84 16.38 2.49
CA ALA A 11 2.97 15.04 1.94
C ALA A 11 1.58 14.45 1.73
N ASN A 12 1.40 13.82 0.55
CA ASN A 12 0.10 13.22 0.30
C ASN A 12 0.23 11.74 -0.06
N CYS A 13 1.11 11.10 0.71
CA CYS A 13 0.79 9.82 1.32
C CYS A 13 -0.69 9.76 1.69
N GLU A 14 -1.36 8.97 0.83
CA GLU A 14 -2.48 8.15 1.26
C GLU A 14 -2.49 7.93 2.78
N TYR A 15 -2.19 6.67 3.17
CA TYR A 15 -1.28 6.44 4.26
C TYR A 15 -0.12 7.46 4.21
N GLN A 16 1.07 6.92 4.47
CA GLN A 16 2.10 7.77 5.03
C GLN A 16 3.40 7.75 4.21
N CYS A 17 4.46 8.08 4.98
CA CYS A 17 5.59 8.81 4.44
C CYS A 17 6.84 7.94 4.52
N GLN A 18 7.55 7.87 3.38
CA GLN A 18 8.95 8.19 3.47
C GLN A 18 9.21 9.55 2.84
N PRO A 19 10.34 10.15 3.29
CA PRO A 19 11.50 10.41 2.47
C PRO A 19 12.32 9.18 2.06
N LEU A 20 12.20 8.84 0.75
CA LEU A 20 13.09 9.40 -0.27
C LEU A 20 14.42 8.63 -0.37
N ASN A 21 14.86 8.33 0.84
CA ASN A 21 16.24 7.89 0.96
C ASN A 21 16.52 6.51 0.32
N GLN A 22 15.45 5.91 -0.23
CA GLN A 22 15.60 5.23 -1.51
C GLN A 22 14.87 6.00 -2.62
N THR A 23 13.68 6.48 -2.22
CA THR A 23 12.59 6.61 -3.19
C THR A 23 12.62 7.91 -4.01
N SER A 24 13.30 8.87 -3.39
CA SER A 24 12.85 10.24 -3.37
C SER A 24 11.33 10.31 -3.30
N TYR A 25 10.95 11.14 -2.31
CA TYR A 25 10.16 10.66 -1.20
C TYR A 25 8.84 10.06 -1.67
N LEU A 26 8.42 9.14 -0.79
CA LEU A 26 7.58 8.07 -1.27
C LEU A 26 6.30 8.09 -0.42
N CYS A 27 5.48 7.04 -0.56
CA CYS A 27 4.49 6.88 0.49
C CYS A 27 4.29 5.41 0.85
N VAL A 28 4.41 5.25 2.18
CA VAL A 28 4.37 3.93 2.77
C VAL A 28 2.93 3.50 2.93
N CYS A 29 2.79 2.17 3.09
CA CYS A 29 1.49 1.72 3.53
C CYS A 29 1.66 0.63 4.59
N ALA A 30 0.64 -0.25 4.58
CA ALA A 30 0.66 -1.39 5.48
C ALA A 30 1.77 -2.40 5.16
N GLU A 31 2.84 -1.86 4.54
CA GLU A 31 2.94 -1.95 3.11
C GLU A 31 2.74 -3.39 2.61
N GLY A 32 2.55 -3.43 1.28
CA GLY A 32 1.79 -4.52 0.69
C GLY A 32 0.66 -3.92 -0.15
N PHE A 33 -0.07 -3.05 0.55
CA PHE A 33 -0.55 -1.82 -0.04
C PHE A 33 0.52 -1.26 -0.98
N ALA A 34 0.19 -1.44 -2.28
CA ALA A 34 1.05 -0.88 -3.32
C ALA A 34 0.17 -0.31 -4.44
N PRO A 35 0.86 0.44 -5.33
CA PRO A 35 0.19 1.21 -6.37
C PRO A 35 -0.69 0.33 -7.25
N ILE A 36 -1.94 0.20 -6.75
CA ILE A 36 -3.13 0.61 -7.50
C ILE A 36 -2.77 1.64 -8.57
N PRO A 37 -3.08 1.29 -9.84
CA PRO A 37 -2.64 2.02 -11.00
C PRO A 37 -1.86 3.32 -10.72
N HIS A 38 -2.36 4.40 -11.36
CA HIS A 38 -1.76 5.71 -11.27
C HIS A 38 -0.79 5.87 -10.09
N GLU A 39 -1.29 6.68 -9.16
CA GLU A 39 -0.41 7.66 -8.56
C GLU A 39 0.69 6.98 -7.74
N PRO A 40 1.59 7.84 -7.22
CA PRO A 40 2.23 7.64 -5.93
C PRO A 40 1.35 8.06 -4.75
N HIS A 41 0.60 7.07 -4.23
CA HIS A 41 0.50 6.93 -2.79
C HIS A 41 -0.28 5.65 -2.47
N ARG A 42 -1.58 5.90 -2.56
CA ARG A 42 -2.48 5.19 -3.45
C ARG A 42 -2.95 3.87 -2.88
N CYS A 43 -1.87 3.11 -2.75
CA CYS A 43 -1.93 1.69 -2.40
C CYS A 43 -3.32 1.27 -1.95
N GLN A 44 -3.74 0.18 -2.61
CA GLN A 44 -5.10 -0.25 -2.36
C GLN A 44 -5.17 -1.76 -2.42
N MET A 45 -5.56 -2.25 -1.24
CA MET A 45 -4.60 -3.02 -0.46
C MET A 45 -3.97 -4.13 -1.31
N PHE A 46 -2.99 -3.71 -2.13
CA PHE A 46 -2.73 -4.35 -3.42
C PHE A 46 -3.52 -5.66 -3.59
N CYS A 47 -4.77 -5.50 -4.06
CA CYS A 47 -5.29 -6.52 -4.95
C CYS A 47 -6.25 -5.89 -5.97
N ASN A 48 -6.50 -6.69 -7.02
CA ASN A 48 -6.71 -6.07 -8.31
C ASN A 48 -7.94 -6.71 -8.98
N GLN A 49 -7.73 -7.97 -9.39
CA GLN A 49 -8.63 -8.53 -10.39
C GLN A 49 -9.45 -9.67 -9.76
N THR A 50 -10.77 -9.42 -9.74
CA THR A 50 -11.58 -10.01 -8.68
C THR A 50 -11.07 -9.66 -7.26
N ALA A 51 -10.06 -8.77 -7.21
CA ALA A 51 -9.03 -8.88 -6.19
C ALA A 51 -8.83 -10.34 -5.73
N CYS A 52 -8.04 -10.43 -4.65
CA CYS A 52 -7.16 -11.57 -4.53
C CYS A 52 -7.71 -12.56 -3.51
N PRO A 53 -7.00 -13.71 -3.42
CA PRO A 53 -6.61 -14.31 -2.16
C PRO A 53 -5.38 -13.65 -1.55
N ALA A 54 -5.26 -13.88 -0.24
CA ALA A 54 -4.12 -13.29 0.44
C ALA A 54 -2.84 -13.58 -0.34
N ASP A 55 -1.76 -13.03 0.24
CA ASP A 55 -0.70 -13.85 0.76
C ASP A 55 0.31 -12.97 1.51
N CYS A 56 -0.05 -12.65 2.77
CA CYS A 56 0.98 -12.29 3.70
C CYS A 56 2.12 -13.30 3.67
N ASP A 57 2.99 -13.12 4.67
CA ASP A 57 4.41 -13.16 4.39
C ASP A 57 4.85 -14.58 4.03
N PRO A 58 4.99 -15.40 5.10
CA PRO A 58 3.88 -16.13 5.69
C PRO A 58 2.96 -15.21 6.50
N ASN A 59 3.49 -14.83 7.67
CA ASN A 59 2.63 -14.77 8.82
C ASN A 59 2.08 -13.36 8.97
N THR A 60 3.10 -12.52 9.14
CA THR A 60 2.96 -11.37 10.02
C THR A 60 3.20 -10.08 9.25
N GLN A 61 4.47 -9.73 9.31
CA GLN A 61 5.02 -8.57 8.62
C GLN A 61 4.22 -7.27 8.86
N ALA A 62 3.27 -7.35 9.80
CA ALA A 62 1.97 -6.72 9.60
C ALA A 62 1.64 -6.56 8.11
N SER A 63 0.79 -7.50 7.66
CA SER A 63 0.73 -7.73 6.23
C SER A 63 -0.55 -8.48 5.85
N CYS A 64 -1.63 -8.10 6.54
CA CYS A 64 -2.91 -8.42 5.94
C CYS A 64 -4.00 -7.48 6.46
N GLU A 65 -3.89 -6.22 6.01
CA GLU A 65 -4.76 -5.22 6.62
C GLU A 65 -6.24 -5.62 6.63
N CYS A 66 -6.54 -6.24 5.50
CA CYS A 66 -7.55 -5.71 4.63
C CYS A 66 -8.89 -6.42 4.83
N PRO A 67 -9.31 -6.45 6.12
CA PRO A 67 -10.28 -5.52 6.66
C PRO A 67 -9.83 -4.06 6.57
N GLU A 68 -10.84 -3.18 6.53
CA GLU A 68 -11.28 -2.59 5.28
C GLU A 68 -10.15 -2.54 4.24
N GLY A 69 -10.09 -3.68 3.52
CA GLY A 69 -11.00 -3.84 2.41
C GLY A 69 -11.47 -5.30 2.30
N TYR A 70 -11.76 -5.85 3.50
CA TYR A 70 -12.71 -6.95 3.64
C TYR A 70 -13.32 -7.36 2.29
N ILE A 71 -13.18 -8.68 2.02
CA ILE A 71 -13.54 -9.64 3.03
C ILE A 71 -12.43 -10.68 3.16
N LEU A 72 -11.91 -10.77 4.40
CA LEU A 72 -11.31 -12.02 4.83
C LEU A 72 -12.10 -13.21 4.29
N ASP A 73 -11.34 -14.04 3.56
CA ASP A 73 -10.28 -14.76 4.24
C ASP A 73 -9.36 -15.48 3.24
N ASP A 74 -9.50 -16.80 3.31
CA ASP A 74 -8.38 -17.68 3.02
C ASP A 74 -7.71 -17.30 1.71
N GLY A 75 -6.60 -16.56 1.91
CA GLY A 75 -5.56 -17.11 2.80
C GLY A 75 -5.35 -16.31 4.10
N PHE A 76 -5.98 -15.14 4.10
CA PHE A 76 -5.66 -14.01 4.97
C PHE A 76 -6.09 -12.66 4.34
N ILE A 77 -7.08 -12.76 3.42
CA ILE A 77 -6.86 -12.21 2.10
C ILE A 77 -6.50 -10.73 2.19
N CYS A 78 -5.63 -10.36 1.22
CA CYS A 78 -4.80 -9.20 1.45
C CYS A 78 -3.63 -9.06 0.43
N THR A 79 -3.50 -10.07 -0.46
CA THR A 79 -2.54 -9.87 -1.54
C THR A 79 -2.69 -10.96 -2.60
N ASP A 80 -3.16 -10.49 -3.78
CA ASP A 80 -2.70 -11.15 -4.99
C ASP A 80 -1.17 -11.30 -4.94
N ILE A 81 -0.78 -12.57 -4.68
CA ILE A 81 0.51 -13.03 -5.15
C ILE A 81 0.85 -12.41 -6.52
N ASP A 82 2.12 -12.64 -6.89
CA ASP A 82 2.73 -11.71 -7.81
C ASP A 82 2.47 -12.15 -9.25
N GLU A 83 1.17 -12.15 -9.57
CA GLU A 83 0.76 -11.46 -10.78
C GLU A 83 0.33 -10.03 -10.43
C1 NAG B . 15.42 5.89 5.33
C2 NAG B . 15.79 4.56 4.69
C3 NAG B . 16.52 3.64 5.68
C4 NAG B . 15.78 3.58 7.02
C5 NAG B . 15.35 4.98 7.49
C6 NAG B . 15.78 5.26 8.93
C7 NAG B . 14.54 3.53 2.92
C8 NAG B . 13.53 4.33 2.10
N2 NAG B . 14.59 3.91 4.21
O3 NAG B . 17.83 4.10 5.88
O4 NAG B . 14.66 2.76 6.90
O5 NAG B . 15.92 5.95 6.65
O6 NAG B . 15.13 6.40 9.42
O7 NAG B . 15.21 2.64 2.42
H1 NAG B . 14.34 6.05 5.33
H2 NAG B . 16.42 4.74 3.82
H3 NAG B . 16.58 2.64 5.27
H4 NAG B . 16.43 3.14 7.77
H5 NAG B . 14.26 5.05 7.42
H61 NAG B . 16.85 5.42 8.98
H62 NAG B . 15.53 4.42 9.58
H81 NAG B . 12.91 3.67 1.50
H82 NAG B . 12.91 4.92 2.76
H83 NAG B . 14.06 5.02 1.44
HN2 NAG B . 13.82 3.76 4.83
HO3 NAG B . 18.21 3.53 6.54
HO4 NAG B . 14.26 2.71 7.76
HO6 NAG B . 15.75 7.11 9.35
C1 NAG C . -3.37 -3.59 -9.94
C2 NAG C . -2.30 -4.10 -8.99
C3 NAG C . -1.28 -4.98 -9.70
C4 NAG C . -0.78 -4.35 -11.01
C5 NAG C . -1.93 -3.70 -11.78
C6 NAG C . -1.90 -4.09 -13.26
C7 NAG C . -1.96 -2.61 -7.14
C8 NAG C . -0.79 -2.65 -6.14
N2 NAG C . -1.61 -2.98 -8.38
O3 NAG C . -1.85 -6.23 -9.99
O4 NAG C . 0.20 -3.39 -10.71
O5 NAG C . -3.16 -4.10 -11.24
O6 NAG C . -3.00 -3.56 -13.93
O7 NAG C . -3.08 -2.26 -6.79
H1 NAG C . -3.37 -2.49 -9.98
H2 NAG C . -2.76 -4.64 -8.16
H3 NAG C . -0.43 -5.17 -9.04
H4 NAG C . -0.32 -5.12 -11.63
H5 NAG C . -1.85 -2.61 -11.69
H61 NAG C . -1.91 -5.18 -13.38
H62 NAG C . -0.99 -3.71 -13.74
H81 NAG C . -0.20 -3.55 -6.28
H82 NAG C . -0.13 -1.79 -6.30
H83 NAG C . -1.16 -2.62 -5.12
HN2 NAG C . -0.89 -2.48 -8.88
HO3 NAG C . -1.82 -6.34 -10.93
HO4 NAG C . 0.23 -3.32 -9.77
HO6 NAG C . -3.63 -3.31 -13.28
N HIS A 1 0.97 26.31 -5.79
CA HIS A 1 -0.45 26.33 -5.50
C HIS A 1 -0.83 25.26 -4.48
N MET A 2 -1.79 25.66 -3.64
CA MET A 2 -1.39 26.22 -2.35
C MET A 2 -0.52 25.21 -1.61
N GLU A 3 0.39 25.80 -0.80
CA GLU A 3 0.54 25.31 0.55
C GLU A 3 1.73 26.01 1.22
N PRO A 4 1.96 25.62 2.48
CA PRO A 4 3.30 25.55 3.08
C PRO A 4 4.19 24.51 2.41
N VAL A 5 4.03 24.50 1.07
CA VAL A 5 4.41 23.34 0.29
C VAL A 5 5.64 22.65 0.86
N ASP A 6 5.41 21.33 1.05
CA ASP A 6 6.33 20.29 0.65
C ASP A 6 7.62 20.87 0.02
N PRO A 7 8.75 20.31 0.51
CA PRO A 7 9.13 18.93 0.24
C PRO A 7 8.31 17.94 1.05
N CYS A 8 7.54 17.23 0.23
CA CYS A 8 6.93 15.97 0.62
C CYS A 8 5.93 16.09 1.80
N PHE A 9 5.85 17.33 2.32
CA PHE A 9 4.78 17.74 3.21
C PHE A 9 3.42 17.19 2.74
N ARG A 10 2.53 18.17 2.46
CA ARG A 10 1.53 18.14 1.42
C ARG A 10 1.33 16.75 0.85
N ALA A 11 2.47 16.38 0.28
CA ALA A 11 2.62 15.18 -0.52
C ALA A 11 1.25 14.65 -0.98
N ASN A 12 1.10 13.30 -0.87
CA ASN A 12 -0.22 12.78 -0.56
C ASN A 12 -0.16 11.30 -0.12
N CYS A 13 0.98 10.96 0.50
CA CYS A 13 1.18 9.62 1.02
C CYS A 13 -0.11 9.08 1.63
N GLU A 14 -0.67 8.15 0.83
CA GLU A 14 -1.16 6.87 1.33
C GLU A 14 -0.78 6.64 2.80
N TYR A 15 0.47 6.17 2.93
CA TYR A 15 1.19 6.28 4.19
C TYR A 15 1.77 7.69 4.29
N GLN A 16 3.09 7.69 4.50
CA GLN A 16 3.77 8.95 4.76
C GLN A 16 4.83 9.26 3.71
N CYS A 17 5.67 10.21 4.16
CA CYS A 17 6.23 11.15 3.21
C CYS A 17 7.76 11.02 3.19
N GLN A 18 8.21 10.34 2.13
CA GLN A 18 9.63 10.24 1.91
C GLN A 18 10.08 11.19 0.79
N PRO A 19 10.80 12.24 1.22
CA PRO A 19 11.66 13.03 0.34
C PRO A 19 12.74 12.21 -0.36
N LEU A 20 12.28 11.56 -1.44
CA LEU A 20 13.02 11.54 -2.70
C LEU A 20 13.68 10.18 -2.86
N ASN A 21 14.76 10.15 -2.10
CA ASN A 21 15.53 8.93 -2.04
C ASN A 21 16.48 8.80 -3.25
N GLN A 22 16.01 9.34 -4.39
CA GLN A 22 16.25 8.68 -5.67
C GLN A 22 14.93 8.28 -6.33
N THR A 23 14.00 7.84 -5.46
CA THR A 23 12.61 7.86 -5.87
C THR A 23 12.20 9.19 -6.51
N SER A 24 12.74 10.21 -5.85
CA SER A 24 12.22 11.55 -5.98
C SER A 24 10.73 11.57 -5.69
N TYR A 25 10.47 12.40 -4.66
CA TYR A 25 9.91 11.92 -3.40
C TYR A 25 8.52 11.36 -3.60
N LEU A 26 8.29 10.38 -2.72
CA LEU A 26 7.57 9.22 -3.18
C LEU A 26 6.24 9.12 -2.42
N CYS A 27 6.10 7.95 -1.79
CA CYS A 27 5.59 7.95 -0.43
C CYS A 27 6.03 6.67 0.30
N VAL A 28 6.32 6.92 1.58
CA VAL A 28 6.77 5.87 2.47
C VAL A 28 5.73 4.74 2.43
N CYS A 29 6.23 3.51 2.68
CA CYS A 29 5.36 2.38 2.36
C CYS A 29 5.03 1.51 3.57
N ALA A 30 6.12 1.33 4.31
CA ALA A 30 6.05 0.69 5.61
C ALA A 30 5.68 -0.79 5.48
N GLU A 31 6.64 -1.51 4.86
CA GLU A 31 6.35 -2.58 3.94
C GLU A 31 5.28 -3.54 4.48
N GLY A 32 4.82 -4.39 3.54
CA GLY A 32 3.42 -4.30 3.15
C GLY A 32 3.29 -4.04 1.66
N PHE A 33 4.10 -3.05 1.26
CA PHE A 33 3.54 -1.85 0.66
C PHE A 33 4.51 -1.36 -0.42
N ALA A 34 4.09 -1.69 -1.65
CA ALA A 34 4.94 -1.42 -2.79
C ALA A 34 4.08 -1.39 -4.04
N PRO A 35 4.35 -0.35 -4.85
CA PRO A 35 3.29 0.46 -5.43
C PRO A 35 2.29 -0.40 -6.20
N ILE A 36 1.14 -0.61 -5.53
CA ILE A 36 -0.07 -0.95 -6.26
C ILE A 36 -0.11 -0.20 -7.60
N PRO A 37 -0.62 -0.89 -8.63
CA PRO A 37 -1.10 -0.23 -9.83
C PRO A 37 -1.99 0.98 -9.50
N HIS A 38 -1.33 2.15 -9.47
CA HIS A 38 -0.63 2.69 -10.64
C HIS A 38 0.78 3.21 -10.27
N GLU A 39 0.77 3.79 -9.07
CA GLU A 39 1.39 5.09 -8.85
C GLU A 39 2.53 4.92 -7.82
N PRO A 40 3.43 5.94 -7.83
CA PRO A 40 4.16 6.33 -6.64
C PRO A 40 3.28 7.02 -5.60
N HIS A 41 2.67 6.17 -4.76
CA HIS A 41 2.64 6.45 -3.34
C HIS A 41 2.11 5.24 -2.58
N ARG A 42 0.77 5.30 -2.57
CA ARG A 42 -0.17 4.22 -2.82
C ARG A 42 -0.09 3.07 -1.86
N CYS A 43 1.08 2.47 -2.01
CA CYS A 43 1.30 1.07 -1.75
C CYS A 43 0.20 0.49 -0.88
N GLN A 44 -0.29 -0.65 -1.40
CA GLN A 44 -1.59 -1.02 -0.94
C GLN A 44 -1.76 -2.52 -1.12
N MET A 45 -1.26 -3.20 -0.09
CA MET A 45 0.06 -3.82 -0.17
C MET A 45 0.36 -4.25 -1.62
N PHE A 46 1.68 -4.29 -1.91
CA PHE A 46 2.15 -5.07 -3.02
C PHE A 46 1.29 -6.35 -3.20
N CYS A 47 0.50 -6.32 -4.29
CA CYS A 47 -0.58 -7.28 -4.39
C CYS A 47 -0.36 -8.19 -5.60
N ASN A 48 -0.43 -7.55 -6.77
CA ASN A 48 0.40 -8.04 -7.87
C ASN A 48 -0.13 -9.40 -8.35
N GLN A 49 -1.14 -9.30 -9.23
CA GLN A 49 -0.83 -9.40 -10.65
C GLN A 49 -2.13 -9.37 -11.47
N THR A 50 -2.71 -10.58 -11.59
CA THR A 50 -4.15 -10.66 -11.44
C THR A 50 -4.57 -11.08 -10.02
N ALA A 51 -3.68 -10.73 -9.06
CA ALA A 51 -4.14 -10.20 -7.78
C ALA A 51 -5.07 -11.18 -7.04
N CYS A 52 -5.24 -10.78 -5.77
CA CYS A 52 -4.22 -11.18 -4.83
C CYS A 52 -4.84 -11.88 -3.60
N PRO A 53 -5.87 -12.71 -3.90
CA PRO A 53 -7.20 -12.56 -3.34
C PRO A 53 -7.20 -12.57 -1.81
N ALA A 54 -8.44 -12.31 -1.33
CA ALA A 54 -8.94 -12.84 -0.06
C ALA A 54 -8.34 -14.22 0.29
N ASP A 55 -9.16 -14.94 1.09
CA ASP A 55 -8.78 -16.23 1.59
C ASP A 55 -7.58 -16.10 2.52
N CYS A 56 -7.82 -15.22 3.50
CA CYS A 56 -7.58 -15.51 4.89
C CYS A 56 -8.02 -16.92 5.28
N ASP A 57 -7.84 -17.15 6.60
CA ASP A 57 -8.80 -17.90 7.39
C ASP A 57 -9.60 -18.87 6.52
N PRO A 58 -9.35 -20.17 6.81
CA PRO A 58 -10.25 -20.97 7.62
C PRO A 58 -10.48 -20.39 9.01
N ASN A 59 -9.35 -20.34 9.75
CA ASN A 59 -9.47 -20.16 11.18
C ASN A 59 -9.00 -18.79 11.61
N THR A 60 -7.79 -18.57 11.11
CA THR A 60 -6.72 -18.10 11.98
C THR A 60 -6.75 -16.57 12.23
N GLN A 61 -7.76 -15.92 11.61
CA GLN A 61 -7.59 -14.60 11.01
C GLN A 61 -6.15 -14.08 11.13
N ALA A 62 -6.09 -12.73 11.17
CA ALA A 62 -4.84 -12.04 10.89
C ALA A 62 -3.98 -12.82 9.89
N SER A 63 -4.70 -13.38 8.88
CA SER A 63 -4.03 -13.63 7.62
C SER A 63 -3.93 -12.31 6.85
N CYS A 64 -4.95 -12.19 6.00
CA CYS A 64 -5.11 -11.00 5.17
C CYS A 64 -4.59 -9.76 5.91
N GLU A 65 -3.33 -9.45 5.54
CA GLU A 65 -2.64 -8.35 6.21
C GLU A 65 -3.23 -6.95 5.97
N CYS A 66 -4.24 -6.96 5.09
CA CYS A 66 -4.31 -6.00 4.02
C CYS A 66 -4.98 -4.71 4.51
N PRO A 67 -4.87 -3.69 3.62
CA PRO A 67 -3.80 -2.72 3.66
C PRO A 67 -3.89 -1.84 4.89
N GLU A 68 -4.85 -0.94 4.73
CA GLU A 68 -4.94 0.19 5.64
C GLU A 68 -5.35 -0.22 7.08
N GLY A 69 -5.10 -1.50 7.39
CA GLY A 69 -6.20 -2.32 7.86
C GLY A 69 -7.45 -2.08 6.99
N TYR A 70 -7.64 -3.04 6.08
CA TYR A 70 -8.99 -3.53 5.81
C TYR A 70 -10.01 -2.38 5.89
N ILE A 71 -10.49 -2.02 4.68
CA ILE A 71 -11.94 -2.05 4.48
C ILE A 71 -12.35 -2.31 3.02
N LEU A 72 -11.33 -2.51 2.15
CA LEU A 72 -11.03 -3.86 1.71
C LEU A 72 -12.32 -4.64 1.43
N ASP A 73 -12.24 -5.38 0.31
CA ASP A 73 -13.32 -5.30 -0.64
C ASP A 73 -13.51 -6.65 -1.34
N ASP A 74 -14.31 -7.43 -0.61
CA ASP A 74 -15.16 -8.42 -1.25
C ASP A 74 -14.30 -9.28 -2.17
N GLY A 75 -13.50 -10.10 -1.49
CA GLY A 75 -12.13 -9.69 -1.26
C GLY A 75 -11.92 -9.22 0.18
N PHE A 76 -11.35 -10.20 0.89
CA PHE A 76 -10.63 -9.80 2.09
C PHE A 76 -9.23 -9.28 1.74
N ILE A 77 -9.19 -8.61 0.57
CA ILE A 77 -8.19 -9.05 -0.38
C ILE A 77 -6.81 -8.62 0.10
N CYS A 78 -5.82 -9.28 -0.51
CA CYS A 78 -4.47 -9.20 0.05
C CYS A 78 -3.44 -9.29 -1.09
N THR A 79 -2.71 -10.42 -1.11
CA THR A 79 -1.39 -10.34 -1.70
C THR A 79 -1.05 -11.66 -2.40
N ASP A 80 -2.03 -12.08 -3.22
CA ASP A 80 -1.70 -13.08 -4.23
C ASP A 80 -0.89 -14.21 -3.60
N ILE A 81 -0.23 -14.96 -4.50
CA ILE A 81 0.79 -15.88 -4.05
C ILE A 81 1.62 -15.27 -2.91
N ASP A 82 1.83 -16.12 -1.89
CA ASP A 82 3.17 -16.21 -1.35
C ASP A 82 3.36 -17.54 -0.63
N GLU A 83 3.69 -18.54 -1.46
CA GLU A 83 5.10 -18.81 -1.68
C GLU A 83 5.29 -19.42 -3.08
C1 NAG B . 15.13 5.41 0.89
C2 NAG B . 15.10 6.41 2.05
C3 NAG B . 15.59 5.79 3.35
C4 NAG B . 15.02 4.40 3.58
C5 NAG B . 15.07 3.55 2.31
C6 NAG B . 14.41 2.19 2.50
C7 NAG B . 15.70 8.71 2.31
C8 NAG B . 14.64 9.55 1.60
N2 NAG B . 15.94 7.54 1.71
O3 NAG B . 15.23 6.62 4.43
O4 NAG B . 15.73 3.76 4.60
O5 NAG B . 14.43 4.23 1.26
O6 NAG B . 13.71 1.81 1.34
O7 NAG B . 16.26 9.11 3.33
H1 NAG B . 16.15 5.15 0.62
H2 NAG B . 14.10 6.81 2.17
H3 NAG B . 16.68 5.74 3.34
H4 NAG B . 13.98 4.48 3.91
H5 NAG B . 16.12 3.39 2.03
H61 NAG B . 13.70 2.22 3.33
H62 NAG B . 15.14 1.41 2.72
H81 NAG B . 14.05 10.12 2.33
H82 NAG B . 15.11 10.25 0.91
H83 NAG B . 13.96 8.90 1.04
HN2 NAG B . 16.67 7.45 1.03
HO3 NAG B . 15.27 6.09 5.22
HO4 NAG B . 15.83 2.85 4.34
HO6 NAG B . 13.52 2.60 0.86
C1 NAG C . 4.18 -6.18 -9.60
C2 NAG C . 5.31 -5.71 -8.70
C3 NAG C . 6.61 -5.50 -9.48
C4 NAG C . 6.36 -4.88 -10.86
C5 NAG C . 5.22 -5.58 -11.60
C6 NAG C . 5.70 -6.15 -12.94
C7 NAG C . 5.52 -4.15 -6.89
C8 NAG C . 4.51 -3.74 -5.81
N2 NAG C . 4.94 -4.47 -8.06
O3 NAG C . 7.27 -6.72 -9.62
O4 NAG C . 6.04 -3.52 -10.71
O5 NAG C . 4.71 -6.63 -10.82
O6 NAG C . 4.73 -7.01 -13.50
O7 NAG C . 6.72 -4.17 -6.67
H1 NAG C . 3.46 -5.39 -9.78
H2 NAG C . 5.47 -6.41 -7.89
H3 NAG C . 7.27 -4.84 -8.91
H4 NAG C . 7.27 -4.93 -11.45
H5 NAG C . 4.42 -4.86 -11.80
H61 NAG C . 6.62 -6.73 -12.81
H62 NAG C . 5.90 -5.36 -13.66
H81 NAG C . 3.86 -4.59 -5.57
H82 NAG C . 5.02 -3.43 -4.92
H83 NAG C . 3.88 -2.93 -6.19
HN2 NAG C . 4.26 -3.86 -8.48
HO3 NAG C . 6.81 -7.36 -9.09
HO4 NAG C . 5.57 -3.26 -11.49
HO6 NAG C . 3.96 -6.93 -12.95
N HIS A 1 4.92 28.23 -4.36
CA HIS A 1 3.84 29.17 -4.67
C HIS A 1 2.69 29.02 -3.67
N MET A 2 2.07 27.83 -3.76
CA MET A 2 1.38 27.33 -2.57
C MET A 2 2.39 26.68 -1.64
N GLU A 3 1.81 25.93 -0.68
CA GLU A 3 2.35 24.60 -0.40
C GLU A 3 3.87 24.66 -0.32
N PRO A 4 4.34 24.59 0.95
CA PRO A 4 5.49 23.80 1.32
C PRO A 4 5.23 22.29 1.17
N VAL A 5 6.35 21.58 0.97
CA VAL A 5 6.38 20.63 -0.13
C VAL A 5 7.46 19.57 0.10
N ASP A 6 7.49 19.10 1.36
CA ASP A 6 7.54 17.67 1.63
C ASP A 6 8.75 16.96 0.99
N PRO A 7 9.24 15.96 1.75
CA PRO A 7 8.84 14.57 1.56
C PRO A 7 7.42 14.28 2.04
N CYS A 8 7.27 14.47 3.37
CA CYS A 8 6.06 14.00 4.00
C CYS A 8 4.97 15.08 3.92
N PHE A 9 5.43 16.29 4.27
CA PHE A 9 4.62 17.49 4.42
C PHE A 9 3.25 17.41 3.71
N ARG A 10 3.09 18.37 2.79
CA ARG A 10 2.23 18.27 1.63
C ARG A 10 1.62 16.88 1.47
N ALA A 11 2.60 15.98 1.44
CA ALA A 11 2.44 14.69 0.81
C ALA A 11 1.05 14.12 1.10
N ASN A 12 0.64 13.23 0.18
CA ASN A 12 -0.65 12.57 0.37
C ASN A 12 -0.46 11.08 0.60
N CYS A 13 0.58 10.78 1.41
CA CYS A 13 0.83 9.40 1.78
C CYS A 13 -0.48 8.65 2.01
N GLU A 14 -0.76 7.86 0.97
CA GLU A 14 -1.63 6.70 1.15
C GLU A 14 -1.49 6.11 2.56
N TYR A 15 -0.33 5.44 2.73
CA TYR A 15 0.14 5.23 4.09
C TYR A 15 0.70 6.55 4.65
N GLN A 16 1.89 6.41 5.24
CA GLN A 16 2.60 7.60 5.65
C GLN A 16 3.82 7.84 4.75
N CYS A 17 4.86 8.38 5.40
CA CYS A 17 5.85 9.13 4.65
C CYS A 17 7.21 8.40 4.69
N GLN A 18 7.59 7.92 3.49
CA GLN A 18 9.00 7.98 3.14
C GLN A 18 9.25 9.19 2.24
N PRO A 19 10.33 9.92 2.60
CA PRO A 19 11.42 10.25 1.69
C PRO A 19 12.28 9.05 1.27
N LEU A 20 11.93 8.55 0.07
CA LEU A 20 12.90 8.12 -0.92
C LEU A 20 13.78 9.25 -1.41
N ASN A 21 14.39 9.74 -0.37
CA ASN A 21 15.37 10.83 -0.31
C ASN A 21 16.16 10.95 -1.62
N GLN A 22 16.86 12.09 -1.71
CA GLN A 22 16.41 13.19 -2.55
C GLN A 22 15.54 14.14 -1.72
N THR A 23 14.27 14.30 -2.14
CA THR A 23 13.41 13.13 -2.17
C THR A 23 12.85 12.88 -3.58
N SER A 24 12.69 11.57 -3.81
CA SER A 24 11.54 11.04 -4.54
C SER A 24 10.24 11.06 -3.71
N TYR A 25 10.51 10.79 -2.42
CA TYR A 25 9.54 10.46 -1.39
C TYR A 25 8.36 9.66 -1.92
N LEU A 26 8.15 8.62 -1.10
CA LEU A 26 7.67 7.36 -1.64
C LEU A 26 6.27 6.94 -1.12
N CYS A 27 5.94 7.56 0.02
CA CYS A 27 4.82 7.25 0.87
C CYS A 27 4.55 5.74 0.99
N VAL A 28 4.26 5.37 2.24
CA VAL A 28 4.72 4.08 2.72
C VAL A 28 3.65 3.03 2.41
N CYS A 29 4.02 1.78 2.69
CA CYS A 29 3.24 0.70 2.10
C CYS A 29 2.64 -0.21 3.15
N ALA A 30 3.60 -0.60 3.98
CA ALA A 30 3.28 -1.39 5.15
C ALA A 30 2.60 -2.69 4.71
N GLU A 31 3.49 -3.66 4.43
CA GLU A 31 3.40 -4.44 3.21
C GLU A 31 2.03 -5.10 3.07
N GLY A 32 1.94 -5.82 1.92
CA GLY A 32 0.64 -5.91 1.27
C GLY A 32 0.39 -4.77 0.27
N PHE A 33 1.52 -4.17 -0.21
CA PHE A 33 1.43 -2.78 -0.62
C PHE A 33 2.67 -2.44 -1.45
N ALA A 34 2.51 -2.66 -2.76
CA ALA A 34 3.68 -2.50 -3.60
C ALA A 34 3.30 -2.24 -5.05
N PRO A 35 3.33 -0.93 -5.34
CA PRO A 35 2.15 -0.08 -5.31
C PRO A 35 1.24 -0.25 -6.53
N ILE A 36 -0.04 0.04 -6.22
CA ILE A 36 -0.91 0.74 -7.16
C ILE A 36 -0.10 1.48 -8.26
N PRO A 37 -0.62 1.40 -9.50
CA PRO A 37 -0.15 2.24 -10.60
C PRO A 37 0.28 3.68 -10.28
N HIS A 38 0.20 4.47 -11.38
CA HIS A 38 0.87 5.75 -11.48
C HIS A 38 1.64 6.14 -10.21
N GLU A 39 0.99 7.09 -9.55
CA GLU A 39 1.65 8.28 -9.04
C GLU A 39 2.25 8.00 -7.68
N PRO A 40 3.57 8.25 -7.52
CA PRO A 40 4.31 7.89 -6.31
C PRO A 40 3.72 8.44 -4.98
N HIS A 41 2.61 7.82 -4.52
CA HIS A 41 2.13 8.13 -3.16
C HIS A 41 1.52 6.94 -2.40
N ARG A 42 1.93 5.75 -2.82
CA ARG A 42 1.01 4.87 -3.54
C ARG A 42 0.28 3.89 -2.67
N CYS A 43 1.08 2.86 -2.47
CA CYS A 43 0.69 1.53 -2.13
C CYS A 43 -0.78 1.46 -1.78
N GLN A 44 -1.46 0.67 -2.63
CA GLN A 44 -2.85 0.42 -2.35
C GLN A 44 -3.17 -1.02 -2.71
N MET A 45 -3.50 -1.71 -1.62
CA MET A 45 -2.73 -2.90 -1.30
C MET A 45 -2.48 -3.72 -2.57
N PHE A 46 -1.20 -4.11 -2.68
CA PHE A 46 -0.81 -4.84 -3.86
C PHE A 46 -1.70 -6.09 -3.96
N CYS A 47 -2.35 -6.18 -5.13
CA CYS A 47 -2.62 -7.51 -5.66
C CYS A 47 -3.23 -7.39 -7.06
N ASN A 48 -3.26 -8.57 -7.71
CA ASN A 48 -3.91 -8.61 -9.01
C ASN A 48 -3.69 -9.97 -9.66
N GLN A 49 -4.70 -10.83 -9.44
CA GLN A 49 -5.77 -10.93 -10.43
C GLN A 49 -6.36 -12.35 -10.41
N THR A 50 -7.67 -12.37 -10.06
CA THR A 50 -8.12 -13.36 -9.10
C THR A 50 -8.06 -12.80 -7.67
N ALA A 51 -6.97 -12.04 -7.44
CA ALA A 51 -6.43 -11.92 -6.10
C ALA A 51 -6.52 -13.23 -5.32
N CYS A 52 -5.65 -13.22 -4.31
CA CYS A 52 -4.24 -13.38 -4.62
C CYS A 52 -3.77 -14.82 -4.34
N PRO A 53 -3.92 -15.24 -3.07
CA PRO A 53 -5.14 -15.11 -2.29
C PRO A 53 -5.15 -13.89 -1.38
N ALA A 54 -6.22 -13.87 -0.56
CA ALA A 54 -6.08 -13.97 0.89
C ALA A 54 -4.74 -14.58 1.34
N ASP A 55 -4.83 -15.18 2.53
CA ASP A 55 -3.65 -15.43 3.33
C ASP A 55 -2.89 -14.13 3.56
N CYS A 56 -3.62 -13.29 4.32
CA CYS A 56 -3.27 -12.92 5.66
C CYS A 56 -2.12 -13.74 6.26
N ASP A 57 -1.88 -13.35 7.52
CA ASP A 57 -0.75 -12.50 7.80
C ASP A 57 0.24 -13.25 8.70
N PRO A 58 1.48 -12.71 8.70
CA PRO A 58 2.66 -13.47 9.08
C PRO A 58 2.61 -14.01 10.51
N ASN A 59 1.79 -13.34 11.34
CA ASN A 59 1.78 -13.71 12.73
C ASN A 59 0.61 -14.63 13.00
N THR A 60 -0.51 -13.95 12.76
CA THR A 60 -1.78 -14.40 13.31
C THR A 60 -2.73 -14.98 12.24
N GLN A 61 -2.16 -15.31 11.07
CA GLN A 61 -2.92 -15.14 9.85
C GLN A 61 -3.65 -13.80 9.88
N ALA A 62 -4.81 -13.80 9.20
CA ALA A 62 -5.96 -13.09 9.74
C ALA A 62 -5.52 -11.75 10.34
N SER A 63 -5.18 -10.85 9.39
CA SER A 63 -5.01 -9.47 9.81
C SER A 63 -5.39 -8.55 8.64
N CYS A 64 -6.57 -8.86 8.08
CA CYS A 64 -6.72 -8.66 6.65
C CYS A 64 -7.74 -7.54 6.40
N GLU A 65 -7.34 -6.68 5.46
CA GLU A 65 -7.61 -5.24 5.63
C GLU A 65 -8.51 -4.68 4.53
N CYS A 66 -8.07 -5.12 3.35
CA CYS A 66 -8.05 -4.34 2.14
C CYS A 66 -9.38 -4.53 1.38
N PRO A 67 -9.30 -4.65 0.03
CA PRO A 67 -8.51 -3.79 -0.86
C PRO A 67 -8.96 -2.32 -0.87
N GLU A 68 -8.90 -1.73 -2.06
CA GLU A 68 -10.12 -1.38 -2.79
C GLU A 68 -10.98 -2.59 -3.12
N GLY A 69 -11.14 -3.44 -2.10
CA GLY A 69 -12.46 -3.67 -1.56
C GLY A 69 -12.64 -2.91 -0.24
N TYR A 70 -11.54 -2.87 0.53
CA TYR A 70 -11.66 -2.16 1.81
C TYR A 70 -12.98 -2.50 2.51
N ILE A 71 -13.36 -3.79 2.35
CA ILE A 71 -13.40 -4.64 3.51
C ILE A 71 -13.72 -6.08 3.08
N LEU A 72 -13.55 -6.97 4.08
CA LEU A 72 -12.57 -8.04 3.96
C LEU A 72 -12.39 -8.48 2.50
N ASP A 73 -12.37 -9.82 2.35
CA ASP A 73 -13.49 -10.49 1.72
C ASP A 73 -13.18 -10.73 0.24
N ASP A 74 -14.06 -11.55 -0.35
CA ASP A 74 -13.71 -12.91 -0.76
C ASP A 74 -12.46 -13.41 -0.01
N GLY A 75 -12.74 -13.86 1.23
CA GLY A 75 -11.81 -14.77 1.86
C GLY A 75 -11.04 -14.11 3.01
N PHE A 76 -10.57 -12.94 2.59
CA PHE A 76 -10.08 -11.88 3.45
C PHE A 76 -9.28 -10.80 2.66
N ILE A 77 -9.40 -10.87 1.32
CA ILE A 77 -8.22 -11.24 0.57
C ILE A 77 -7.11 -10.19 0.78
N CYS A 78 -5.90 -10.69 0.52
CA CYS A 78 -4.68 -10.07 1.01
C CYS A 78 -3.84 -11.11 1.77
N THR A 79 -2.55 -10.73 1.91
CA THR A 79 -1.71 -10.76 0.74
C THR A 79 -1.75 -12.15 0.11
N ASP A 80 -1.67 -12.12 -1.24
CA ASP A 80 -0.55 -12.73 -1.93
C ASP A 80 0.68 -12.89 -1.03
N ILE A 81 0.91 -14.17 -0.68
CA ILE A 81 2.29 -14.61 -0.50
C ILE A 81 3.21 -13.95 -1.53
N ASP A 82 4.51 -14.20 -1.30
CA ASP A 82 5.47 -13.73 -2.28
C ASP A 82 5.07 -14.24 -3.67
N GLU A 83 5.31 -15.55 -3.84
CA GLU A 83 5.96 -15.97 -5.07
C GLU A 83 5.24 -15.34 -6.27
C1 NAG B . 17.60 7.12 1.52
C2 NAG B . 16.30 6.37 1.25
C3 NAG B . 16.36 5.56 -0.04
C4 NAG B . 17.65 4.76 -0.15
C5 NAG B . 18.87 5.56 0.33
C6 NAG B . 20.04 5.46 -0.64
C7 NAG B . 15.08 5.84 3.25
C8 NAG B . 13.66 5.71 2.69
N2 NAG B . 16.03 5.48 2.36
O3 NAG B . 16.24 6.43 -1.14
O4 NAG B . 17.54 3.58 0.60
O5 NAG B . 18.50 6.92 0.47
O6 NAG B . 20.80 4.31 -0.37
O7 NAG B . 15.30 6.24 4.39
H1 NAG B . 18.06 6.80 2.46
H2 NAG B . 15.46 7.07 1.22
H3 NAG B . 15.51 4.88 -0.07
H4 NAG B . 17.81 4.47 -1.19
H5 NAG B . 19.18 5.18 1.31
H61 NAG B . 20.69 6.32 -0.55
H62 NAG B . 19.69 5.39 -1.67
H81 NAG B . 13.10 6.64 2.87
H82 NAG B . 13.70 5.52 1.62
H83 NAG B . 13.14 4.90 3.18
HN2 NAG B . 16.51 4.61 2.46
HO3 NAG B . 15.31 6.50 -1.32
HO4 NAG B . 17.94 3.76 1.44
HO6 NAG B . 21.40 4.20 -1.09
C1 NAG C . -1.33 -5.08 -9.56
C2 NAG C . -0.21 -4.32 -8.85
C3 NAG C . 0.93 -3.94 -9.82
C4 NAG C . 0.40 -3.29 -11.09
C5 NAG C . -0.93 -3.91 -11.54
C6 NAG C . -0.99 -4.07 -13.06
C7 NAG C . -0.83 -3.02 -6.92
C8 NAG C . 0.53 -2.93 -6.24
N2 NAG C . -0.74 -3.10 -8.26
O3 NAG C . 1.66 -5.10 -10.15
O4 NAG C . 0.22 -1.91 -10.88
O5 NAG C . -1.07 -5.17 -10.93
O6 NAG C . -1.81 -3.08 -13.62
O7 NAG C . -1.88 -3.02 -6.29
H1 NAG C . -2.29 -4.60 -9.40
H2 NAG C . 0.19 -4.89 -8.02
H3 NAG C . 1.61 -3.26 -9.32
H4 NAG C . 1.14 -3.40 -11.88
H5 NAG C . -1.75 -3.27 -11.21
H61 NAG C . -1.41 -5.04 -13.32
H62 NAG C . 0.00 -3.99 -13.50
H81 NAG C . 0.49 -2.23 -5.40
H82 NAG C . 0.85 -3.90 -5.85
H83 NAG C . 1.28 -2.60 -6.97
HN2 NAG C . -1.05 -2.34 -8.84
HO3 NAG C . 1.13 -5.58 -10.78
HO4 NAG C . 0.37 -1.49 -11.71
HO6 NAG C . -1.61 -2.27 -13.19
N HIS A 1 8.22 21.66 -9.10
CA HIS A 1 7.42 22.79 -9.59
C HIS A 1 6.12 22.91 -8.81
N MET A 2 6.30 22.90 -7.47
CA MET A 2 6.38 24.18 -6.78
C MET A 2 6.49 23.93 -5.28
N GLU A 3 6.04 24.96 -4.53
CA GLU A 3 6.00 24.84 -3.08
C GLU A 3 7.38 24.47 -2.53
N PRO A 4 7.55 24.82 -1.24
CA PRO A 4 8.39 24.07 -0.33
C PRO A 4 7.82 22.69 0.02
N VAL A 5 7.17 22.11 -1.00
CA VAL A 5 6.67 20.76 -0.81
C VAL A 5 7.84 19.83 -0.49
N ASP A 6 7.85 19.36 0.77
CA ASP A 6 9.10 19.48 1.51
C ASP A 6 10.31 19.14 0.62
N PRO A 7 10.50 17.81 0.39
CA PRO A 7 9.78 17.06 -0.64
C PRO A 7 8.40 16.58 -0.18
N CYS A 8 8.43 16.18 1.11
CA CYS A 8 7.29 15.64 1.81
C CYS A 8 6.15 16.65 1.88
N PHE A 9 6.30 17.52 2.90
CA PHE A 9 5.31 18.55 3.14
C PHE A 9 4.69 19.04 1.83
N ARG A 10 3.48 19.59 2.02
CA ARG A 10 2.47 19.62 0.96
C ARG A 10 1.72 18.29 0.75
N ALA A 11 2.28 17.25 1.39
CA ALA A 11 2.67 16.08 0.62
C ALA A 11 1.47 15.53 -0.18
N ASN A 12 1.11 14.28 0.15
CA ASN A 12 0.02 14.09 1.08
C ASN A 12 -0.28 12.60 1.23
N CYS A 13 0.85 11.87 1.40
CA CYS A 13 0.97 10.79 2.33
C CYS A 13 -0.06 10.90 3.45
N GLU A 14 -0.75 9.75 3.52
CA GLU A 14 -1.95 9.63 4.31
C GLU A 14 -1.71 8.79 5.57
N TYR A 15 -0.85 7.76 5.39
CA TYR A 15 0.33 7.71 6.22
C TYR A 15 1.17 8.95 5.94
N GLN A 16 2.49 8.69 5.92
CA GLN A 16 3.38 9.83 5.84
C GLN A 16 4.52 9.60 4.84
N CYS A 17 5.65 10.22 5.19
CA CYS A 17 6.57 10.64 4.15
C CYS A 17 7.83 9.77 4.15
N GLN A 18 7.81 8.84 3.19
CA GLN A 18 8.88 7.88 3.04
C GLN A 18 10.27 8.53 3.18
N PRO A 19 10.42 9.68 2.49
CA PRO A 19 10.41 9.77 1.03
C PRO A 19 11.29 8.71 0.34
N LEU A 20 10.94 8.52 -0.95
CA LEU A 20 11.82 7.71 -1.78
C LEU A 20 12.36 8.49 -2.96
N ASN A 21 13.37 9.25 -2.57
CA ASN A 21 14.41 9.71 -3.49
C ASN A 21 14.33 9.00 -4.85
N GLN A 22 13.97 9.78 -5.87
CA GLN A 22 14.70 10.99 -6.22
C GLN A 22 13.74 11.95 -6.93
N THR A 23 13.05 12.74 -6.08
CA THR A 23 12.14 12.12 -5.13
C THR A 23 10.98 11.44 -5.86
N SER A 24 10.82 10.16 -5.46
CA SER A 24 9.47 9.62 -5.31
C SER A 24 8.46 10.63 -4.75
N TYR A 25 9.03 11.38 -3.82
CA TYR A 25 8.72 11.17 -2.41
C TYR A 25 7.33 10.60 -2.20
N LEU A 26 7.38 9.61 -1.30
CA LEU A 26 6.42 8.56 -1.44
C LEU A 26 5.80 8.34 -0.06
N CYS A 27 4.65 7.65 -0.06
CA CYS A 27 3.84 7.72 1.14
C CYS A 27 3.86 6.37 1.87
N VAL A 28 4.16 6.49 3.18
CA VAL A 28 5.12 5.58 3.80
C VAL A 28 4.69 4.10 3.77
N CYS A 29 3.36 3.97 3.71
CA CYS A 29 2.55 3.04 4.47
C CYS A 29 3.19 1.67 4.66
N ALA A 30 2.33 0.98 5.42
CA ALA A 30 2.80 0.19 6.54
C ALA A 30 3.49 -1.09 6.08
N GLU A 31 4.66 -0.87 5.43
CA GLU A 31 4.90 -1.40 4.12
C GLU A 31 4.38 -2.84 3.97
N GLY A 32 4.14 -3.16 2.69
CA GLY A 32 2.98 -3.97 2.34
C GLY A 32 1.67 -3.17 2.22
N PHE A 33 1.85 -1.85 2.05
CA PHE A 33 0.73 -0.95 1.87
C PHE A 33 1.24 0.26 1.08
N ALA A 34 1.21 0.08 -0.25
CA ALA A 34 2.31 0.62 -1.02
C ALA A 34 2.07 2.13 -1.24
N PRO A 35 2.16 2.53 -2.53
CA PRO A 35 1.01 2.74 -3.39
C PRO A 35 0.38 1.43 -3.88
N ILE A 36 -0.90 1.27 -3.49
CA ILE A 36 -1.96 0.97 -4.45
C ILE A 36 -1.62 1.61 -5.83
N PRO A 37 -2.31 1.13 -6.88
CA PRO A 37 -2.86 2.00 -7.90
C PRO A 37 -3.27 3.37 -7.37
N HIS A 38 -4.25 3.95 -8.09
CA HIS A 38 -3.97 5.21 -8.77
C HIS A 38 -3.01 6.08 -7.95
N GLU A 39 -3.68 6.96 -7.22
CA GLU A 39 -3.04 8.21 -6.86
C GLU A 39 -1.68 7.92 -6.21
N PRO A 40 -0.70 8.77 -6.59
CA PRO A 40 0.48 9.01 -5.77
C PRO A 40 0.12 9.71 -4.46
N HIS A 41 -0.35 8.87 -3.52
CA HIS A 41 0.10 9.05 -2.14
C HIS A 41 -0.29 7.91 -1.18
N ARG A 42 -0.80 6.82 -1.79
CA ARG A 42 -1.61 5.94 -0.99
C ARG A 42 -0.81 4.73 -0.53
N CYS A 43 -1.47 4.09 0.45
CA CYS A 43 -1.50 2.66 0.55
C CYS A 43 -2.82 2.11 0.02
N GLN A 44 -2.76 0.80 -0.28
CA GLN A 44 -3.97 0.01 -0.21
C GLN A 44 -3.63 -1.46 -0.45
N MET A 45 -3.65 -2.18 0.68
CA MET A 45 -2.58 -3.11 0.97
C MET A 45 -2.11 -3.81 -0.32
N PHE A 46 -0.81 -3.63 -0.60
CA PHE A 46 -0.43 -3.47 -2.00
C PHE A 46 -0.51 -4.77 -2.83
N CYS A 47 -0.92 -5.85 -2.15
CA CYS A 47 -0.03 -7.02 -2.07
C CYS A 47 0.52 -7.37 -3.46
N ASN A 48 1.65 -8.10 -3.40
CA ASN A 48 2.90 -7.50 -3.82
C ASN A 48 3.44 -8.23 -5.05
N GLN A 49 3.80 -9.50 -4.79
CA GLN A 49 4.03 -10.39 -5.91
C GLN A 49 4.32 -11.80 -5.41
N THR A 50 3.31 -12.67 -5.63
CA THR A 50 3.32 -13.45 -6.86
C THR A 50 1.88 -13.81 -7.24
N ALA A 51 1.11 -12.74 -7.44
CA ALA A 51 0.39 -12.20 -6.30
C ALA A 51 -0.30 -13.32 -5.52
N CYS A 52 -1.23 -12.83 -4.68
CA CYS A 52 -0.99 -12.97 -3.25
C CYS A 52 -2.16 -13.67 -2.57
N PRO A 53 -2.28 -14.97 -2.91
CA PRO A 53 -3.43 -15.51 -3.64
C PRO A 53 -4.67 -15.73 -2.79
N ALA A 54 -4.77 -14.87 -1.75
CA ALA A 54 -5.35 -15.31 -0.49
C ALA A 54 -5.01 -16.76 -0.19
N ASP A 55 -5.56 -17.16 0.97
CA ASP A 55 -6.67 -18.07 0.99
C ASP A 55 -7.76 -17.54 1.94
N CYS A 56 -7.65 -18.10 3.14
CA CYS A 56 -7.57 -17.30 4.34
C CYS A 56 -8.90 -16.64 4.75
N ASP A 57 -8.85 -16.10 5.99
CA ASP A 57 -10.05 -15.85 6.78
C ASP A 57 -11.24 -16.68 6.28
N PRO A 58 -11.30 -17.94 6.77
CA PRO A 58 -11.48 -18.26 8.19
C PRO A 58 -10.19 -18.19 9.04
N ASN A 59 -9.08 -18.32 8.31
CA ASN A 59 -7.80 -18.82 8.76
C ASN A 59 -7.08 -17.85 9.69
N THR A 60 -7.10 -16.63 9.13
CA THR A 60 -6.47 -15.56 9.89
C THR A 60 -5.09 -16.01 10.41
N GLN A 61 -4.45 -16.76 9.48
CA GLN A 61 -3.42 -16.16 8.63
C GLN A 61 -3.94 -14.91 7.94
N ALA A 62 -3.09 -13.87 8.00
CA ALA A 62 -3.46 -12.64 7.32
C ALA A 62 -4.75 -12.07 7.91
N SER A 63 -5.80 -12.50 7.21
CA SER A 63 -7.10 -12.74 7.79
C SER A 63 -8.16 -11.98 7.00
N CYS A 64 -8.27 -12.46 5.75
CA CYS A 64 -8.06 -11.58 4.62
C CYS A 64 -9.01 -10.37 4.71
N GLU A 65 -8.44 -9.22 4.33
CA GLU A 65 -8.62 -8.03 5.17
C GLU A 65 -9.47 -6.93 4.51
N CYS A 66 -9.33 -6.94 3.18
CA CYS A 66 -8.55 -5.90 2.56
C CYS A 66 -9.45 -4.91 1.81
N PRO A 67 -10.46 -5.49 1.13
CA PRO A 67 -11.80 -4.92 1.13
C PRO A 67 -12.20 -4.29 2.45
N GLU A 68 -13.06 -3.29 2.28
CA GLU A 68 -12.74 -1.97 2.82
C GLU A 68 -11.27 -1.65 2.56
N GLY A 69 -11.06 -1.00 1.39
CA GLY A 69 -9.70 -0.93 0.88
C GLY A 69 -9.63 -1.52 -0.53
N TYR A 70 -10.35 -2.65 -0.66
CA TYR A 70 -11.27 -2.76 -1.79
C TYR A 70 -10.58 -2.27 -3.06
N ILE A 71 -10.17 -3.28 -3.86
CA ILE A 71 -11.13 -3.85 -4.80
C ILE A 71 -10.81 -5.31 -5.18
N LEU A 72 -9.65 -5.80 -4.72
CA LEU A 72 -9.53 -7.23 -4.46
C LEU A 72 -9.93 -8.02 -5.70
N ASP A 73 -10.03 -9.35 -5.45
CA ASP A 73 -11.30 -9.87 -4.96
C ASP A 73 -11.44 -11.35 -5.36
N ASP A 74 -11.96 -12.08 -4.36
CA ASP A 74 -12.21 -13.49 -4.57
C ASP A 74 -10.98 -14.14 -5.20
N GLY A 75 -9.96 -14.19 -4.34
CA GLY A 75 -9.87 -15.29 -3.39
C GLY A 75 -10.62 -14.94 -2.10
N PHE A 76 -9.78 -14.34 -1.28
CA PHE A 76 -10.14 -13.08 -0.64
C PHE A 76 -8.88 -12.22 -0.47
N ILE A 77 -8.12 -12.20 -1.58
CA ILE A 77 -6.68 -12.05 -1.49
C ILE A 77 -6.35 -10.87 -0.56
N CYS A 78 -5.08 -10.90 -0.14
CA CYS A 78 -4.61 -9.93 0.84
C CYS A 78 -3.08 -10.00 0.93
N THR A 79 -2.62 -11.25 1.02
CA THR A 79 -1.18 -11.48 1.03
C THR A 79 -0.91 -12.97 0.81
N ASP A 80 -0.25 -13.21 -0.34
CA ASP A 80 1.00 -13.92 -0.23
C ASP A 80 1.87 -13.25 0.83
N ILE A 81 1.63 -13.70 2.08
CA ILE A 81 2.71 -14.37 2.81
C ILE A 81 3.51 -15.27 1.88
N ASP A 82 4.76 -15.52 2.33
CA ASP A 82 5.48 -16.62 1.74
C ASP A 82 6.50 -17.17 2.76
N GLU A 83 7.68 -16.53 2.72
CA GLU A 83 8.46 -16.48 3.94
C GLU A 83 8.14 -15.20 4.71
C1 NAG B . 17.98 10.75 -0.37
C2 NAG B . 17.36 9.77 0.62
C3 NAG B . 18.41 9.05 1.45
C4 NAG B . 19.52 8.50 0.55
C5 NAG B . 20.06 9.57 -0.40
C6 NAG B . 19.99 9.12 -1.86
C7 NAG B . 15.31 9.91 1.87
C8 NAG B . 14.47 9.48 0.66
N2 NAG B . 16.46 10.49 1.52
O3 NAG B . 17.82 7.98 2.15
O4 NAG B . 20.57 8.00 1.34
O5 NAG B . 19.38 10.79 -0.23
O6 NAG B . 21.15 8.42 -2.22
O7 NAG B . 14.93 9.71 3.01
H1 NAG B . 17.58 11.76 -0.20
H2 NAG B . 16.73 9.05 0.10
H3 NAG B . 18.84 9.72 2.18
H4 NAG B . 19.12 7.67 -0.04
H5 NAG B . 21.12 9.73 -0.16
H61 NAG B . 19.90 9.98 -2.53
H62 NAG B . 19.14 8.47 -2.04
H81 NAG B . 13.47 9.91 0.73
H82 NAG B . 14.94 9.83 -0.27
H83 NAG B . 14.39 8.40 0.61
HN2 NAG B . 16.71 11.39 1.88
HO3 NAG B . 18.36 7.22 2.00
HO4 NAG B . 20.67 7.09 1.11
HO6 NAG B . 20.88 7.71 -2.81
C1 NAG C . 7.35 -6.25 -2.16
C2 NAG C . 7.17 -5.48 -0.86
C3 NAG C . 8.40 -5.56 0.03
C4 NAG C . 9.69 -5.33 -0.77
C5 NAG C . 9.68 -6.11 -2.08
C6 NAG C . 10.95 -6.96 -2.23
C7 NAG C . 5.67 -3.77 -1.65
C8 NAG C . 4.57 -3.82 -0.58
N2 NAG C . 6.89 -4.08 -1.16
O3 NAG C . 8.45 -6.81 0.65
O4 NAG C . 9.83 -3.96 -1.04
O5 NAG C . 8.57 -6.96 -2.13
O6 NAG C . 10.87 -8.11 -1.43
O7 NAG C . 5.43 -3.49 -2.81
H1 NAG C . 7.34 -5.58 -3.02
H2 NAG C . 6.29 -5.84 -0.32
H3 NAG C . 8.34 -4.81 0.83
H4 NAG C . 10.55 -5.64 -0.17
H5 NAG C . 9.62 -5.41 -2.91
H61 NAG C . 11.84 -6.40 -1.94
H62 NAG C . 11.08 -7.28 -3.26
H81 NAG C . 4.64 -4.75 -0.02
H82 NAG C . 4.68 -2.98 0.09
H83 NAG C . 3.60 -3.77 -1.06
HN2 NAG C . 7.58 -3.38 -1.01
HO3 NAG C . 9.29 -6.87 1.08
HO4 NAG C . 10.15 -3.89 -1.92
HO6 NAG C . 11.59 -8.66 -1.67
N HIS A 1 -2.32 29.35 1.54
CA HIS A 1 -1.93 28.49 0.42
C HIS A 1 -0.40 28.40 0.30
N MET A 2 0.00 27.55 -0.66
CA MET A 2 0.38 26.21 -0.27
C MET A 2 1.57 25.74 -1.10
N GLU A 3 2.75 26.16 -0.61
CA GLU A 3 3.51 25.27 0.25
C GLU A 3 4.96 25.74 0.34
N PRO A 4 5.59 25.35 1.47
CA PRO A 4 7.01 25.06 1.53
C PRO A 4 7.39 23.81 0.73
N VAL A 5 6.83 23.80 -0.50
CA VAL A 5 7.25 22.86 -1.53
C VAL A 5 8.60 22.21 -1.22
N ASP A 6 8.39 21.05 -0.58
CA ASP A 6 8.85 19.77 -1.10
C ASP A 6 10.30 19.79 -1.54
N PRO A 7 10.93 18.60 -1.36
CA PRO A 7 10.93 17.54 -2.37
C PRO A 7 9.57 16.84 -2.53
N CYS A 8 9.23 16.06 -1.48
CA CYS A 8 7.98 15.32 -1.51
C CYS A 8 6.78 16.23 -1.26
N PHE A 9 6.95 17.07 -0.23
CA PHE A 9 5.83 17.84 0.26
C PHE A 9 4.92 18.30 -0.88
N ARG A 10 3.67 18.56 -0.50
CA ARG A 10 2.68 18.67 -1.57
C ARG A 10 2.39 17.34 -2.31
N ALA A 11 3.19 16.33 -1.93
CA ALA A 11 3.42 15.19 -2.81
C ALA A 11 2.12 14.53 -3.30
N ASN A 12 1.01 14.84 -2.60
CA ASN A 12 0.70 14.08 -1.39
C ASN A 12 1.00 12.60 -1.60
N CYS A 13 2.03 12.16 -0.84
CA CYS A 13 1.83 11.19 0.21
C CYS A 13 0.41 11.24 0.77
N GLU A 14 -0.31 10.19 0.36
CA GLU A 14 -1.34 9.61 1.21
C GLU A 14 -1.07 9.89 2.70
N TYR A 15 -0.22 9.00 3.26
CA TYR A 15 0.56 9.39 4.41
C TYR A 15 1.57 10.46 4.00
N GLN A 16 2.81 10.24 4.48
CA GLN A 16 3.84 11.24 4.34
C GLN A 16 4.96 10.75 3.43
N CYS A 17 6.12 11.40 3.66
CA CYS A 17 7.11 11.47 2.60
C CYS A 17 8.37 10.69 2.96
N GLN A 18 8.55 9.59 2.21
CA GLN A 18 9.83 9.23 1.66
C GLN A 18 9.98 9.76 0.23
N PRO A 19 11.10 10.47 0.04
CA PRO A 19 12.02 10.23 -1.08
C PRO A 19 12.74 8.87 -1.00
N LEU A 20 12.02 7.89 -1.58
CA LEU A 20 12.63 6.86 -2.42
C LEU A 20 14.05 7.24 -2.87
N ASN A 21 14.07 8.44 -3.47
CA ASN A 21 15.32 8.92 -4.01
C ASN A 21 15.78 8.02 -5.14
N GLN A 22 16.27 8.71 -6.18
CA GLN A 22 15.67 8.52 -7.50
C GLN A 22 14.24 9.10 -7.57
N THR A 23 13.94 10.05 -6.67
CA THR A 23 12.67 9.93 -5.98
C THR A 23 11.56 9.68 -7.00
N SER A 24 11.00 8.47 -6.82
CA SER A 24 9.55 8.37 -6.82
C SER A 24 8.87 9.32 -5.82
N TYR A 25 9.64 9.57 -4.77
CA TYR A 25 9.15 9.66 -3.40
C TYR A 25 7.77 9.05 -3.26
N LEU A 26 7.78 8.10 -2.32
CA LEU A 26 6.98 6.90 -2.49
C LEU A 26 5.86 6.73 -1.44
N CYS A 27 6.13 7.45 -0.34
CA CYS A 27 5.18 7.96 0.61
C CYS A 27 4.64 6.85 1.52
N VAL A 28 4.45 7.28 2.78
CA VAL A 28 4.50 6.31 3.86
C VAL A 28 3.09 5.79 4.13
N CYS A 29 3.04 4.94 5.17
CA CYS A 29 1.73 4.65 5.66
C CYS A 29 1.78 4.42 7.17
N ALA A 30 0.84 3.55 7.57
CA ALA A 30 0.81 3.12 8.96
C ALA A 30 2.01 2.25 9.35
N GLU A 31 3.13 2.52 8.66
CA GLU A 31 3.58 1.65 7.60
C GLU A 31 3.35 0.17 7.95
N GLY A 32 3.38 -0.64 6.88
CA GLY A 32 2.19 -1.40 6.52
C GLY A 32 2.16 -1.65 5.01
N PHE A 33 2.41 -0.54 4.31
CA PHE A 33 1.47 0.02 3.37
C PHE A 33 2.28 1.05 2.55
N ALA A 34 2.44 0.76 1.23
CA ALA A 34 3.46 1.54 0.53
C ALA A 34 3.05 1.80 -0.94
N PRO A 35 4.00 1.63 -1.91
CA PRO A 35 3.56 1.51 -3.29
C PRO A 35 2.80 0.21 -3.56
N ILE A 36 1.46 0.36 -3.46
CA ILE A 36 0.60 -0.11 -4.54
C ILE A 36 1.29 0.11 -5.90
N PRO A 37 0.97 -0.81 -6.85
CA PRO A 37 1.01 -0.49 -8.27
C PRO A 37 0.37 0.86 -8.56
N HIS A 38 0.86 1.47 -9.67
CA HIS A 38 0.90 2.92 -9.76
C HIS A 38 0.76 3.61 -8.40
N GLU A 39 -0.09 4.63 -8.45
CA GLU A 39 0.22 5.92 -7.88
C GLU A 39 1.01 5.75 -6.57
N PRO A 40 2.35 5.83 -6.73
CA PRO A 40 3.25 5.85 -5.59
C PRO A 40 3.14 7.16 -4.80
N HIS A 41 1.88 7.44 -4.41
CA HIS A 41 1.71 8.09 -3.12
C HIS A 41 1.07 7.21 -2.02
N ARG A 42 0.53 6.09 -2.50
CA ARG A 42 -0.44 5.36 -1.71
C ARG A 42 0.29 4.41 -0.77
N CYS A 43 -0.55 3.63 -0.07
CA CYS A 43 -0.11 2.35 0.40
C CYS A 43 -0.41 1.24 -0.60
N GLN A 44 -1.72 1.27 -0.85
CA GLN A 44 -2.52 0.09 -1.12
C GLN A 44 -1.70 -1.19 -1.08
N MET A 45 -2.05 -1.99 -0.05
CA MET A 45 -1.06 -2.41 0.92
C MET A 45 0.25 -2.83 0.25
N PHE A 46 1.30 -2.73 1.07
CA PHE A 46 2.63 -2.83 0.53
C PHE A 46 3.01 -4.27 0.10
N CYS A 47 1.96 -5.12 -0.06
CA CYS A 47 1.77 -6.16 0.94
C CYS A 47 3.12 -6.80 1.29
N ASN A 48 3.86 -7.08 0.21
CA ASN A 48 4.97 -8.01 0.32
C ASN A 48 5.85 -7.63 1.53
N GLN A 49 5.58 -8.35 2.63
CA GLN A 49 5.83 -9.79 2.59
C GLN A 49 4.52 -10.54 2.37
N THR A 50 3.78 -10.64 3.49
CA THR A 50 3.22 -11.94 3.82
C THR A 50 2.05 -11.77 4.79
N ALA A 51 1.70 -12.93 5.37
CA ALA A 51 0.41 -13.51 5.03
C ALA A 51 -0.69 -12.44 5.07
N CYS A 52 -1.19 -12.17 3.84
CA CYS A 52 -1.85 -10.90 3.64
C CYS A 52 -3.38 -11.05 3.53
N PRO A 53 -3.80 -12.08 2.77
CA PRO A 53 -4.30 -11.97 1.40
C PRO A 53 -5.82 -11.78 1.37
N ALA A 54 -6.11 -10.54 0.98
CA ALA A 54 -7.28 -10.22 0.18
C ALA A 54 -8.58 -10.98 0.55
N ASP A 55 -9.57 -10.09 0.73
CA ASP A 55 -10.99 -10.41 0.84
C ASP A 55 -11.16 -11.84 1.27
N CYS A 56 -10.77 -11.93 2.55
CA CYS A 56 -10.78 -13.13 3.31
C CYS A 56 -12.04 -13.95 3.02
N ASP A 57 -12.05 -15.12 3.69
CA ASP A 57 -13.32 -15.76 3.93
C ASP A 57 -14.15 -14.90 4.90
N PRO A 58 -15.29 -14.40 4.37
CA PRO A 58 -15.92 -13.21 4.90
C PRO A 58 -16.11 -13.28 6.42
N ASN A 59 -16.44 -14.52 6.85
CA ASN A 59 -17.34 -14.63 7.99
C ASN A 59 -16.53 -14.73 9.26
N THR A 60 -15.76 -15.80 9.17
CA THR A 60 -15.14 -16.37 10.36
C THR A 60 -13.67 -15.96 10.52
N GLN A 61 -13.32 -14.82 9.88
CA GLN A 61 -11.96 -14.34 9.99
C GLN A 61 -11.76 -13.13 9.08
N ALA A 62 -11.14 -12.11 9.70
CA ALA A 62 -9.82 -11.69 9.26
C ALA A 62 -8.98 -12.88 8.78
N SER A 63 -9.33 -13.30 7.55
CA SER A 63 -8.45 -14.25 6.87
C SER A 63 -7.60 -13.59 5.76
N CYS A 64 -7.51 -12.25 5.83
CA CYS A 64 -6.99 -11.52 4.70
C CYS A 64 -6.45 -10.15 5.16
N GLU A 65 -6.42 -9.23 4.19
CA GLU A 65 -6.44 -7.83 4.54
C GLU A 65 -7.18 -7.01 3.50
N CYS A 66 -6.58 -7.22 2.34
CA CYS A 66 -6.47 -6.25 1.29
C CYS A 66 -7.84 -6.05 0.61
N PRO A 67 -7.79 -5.97 -0.73
CA PRO A 67 -7.21 -4.84 -1.45
C PRO A 67 -7.98 -3.54 -1.25
N GLU A 68 -7.52 -2.56 -2.04
CA GLU A 68 -8.36 -1.41 -2.38
C GLU A 68 -9.83 -1.79 -2.36
N GLY A 69 -10.14 -2.41 -3.49
CA GLY A 69 -11.05 -3.52 -3.51
C GLY A 69 -10.27 -4.84 -3.60
N TYR A 70 -10.21 -5.51 -2.43
CA TYR A 70 -11.40 -6.14 -1.86
C TYR A 70 -12.57 -6.22 -2.87
N ILE A 71 -13.26 -7.37 -2.81
CA ILE A 71 -13.65 -8.05 -4.03
C ILE A 71 -12.57 -7.90 -5.11
N LEU A 72 -11.32 -7.99 -4.62
CA LEU A 72 -10.59 -9.24 -4.69
C LEU A 72 -10.95 -10.03 -5.95
N ASP A 73 -9.88 -10.63 -6.49
CA ASP A 73 -9.92 -11.04 -7.87
C ASP A 73 -8.52 -11.46 -8.32
N ASP A 74 -7.70 -10.42 -8.16
CA ASP A 74 -6.42 -10.41 -8.86
C ASP A 74 -5.42 -11.45 -8.33
N GLY A 75 -5.94 -12.40 -7.54
CA GLY A 75 -5.23 -12.79 -6.34
C GLY A 75 -5.89 -14.01 -5.70
N PHE A 76 -6.70 -13.56 -4.75
CA PHE A 76 -6.57 -14.06 -3.40
C PHE A 76 -5.40 -13.32 -2.72
N ILE A 77 -5.38 -12.00 -3.00
CA ILE A 77 -4.13 -11.46 -3.44
C ILE A 77 -3.15 -11.49 -2.27
N CYS A 78 -1.92 -11.04 -2.56
CA CYS A 78 -1.29 -10.05 -1.68
C CYS A 78 0.08 -10.57 -1.19
N THR A 79 0.78 -11.24 -2.12
CA THR A 79 0.92 -12.66 -1.95
C THR A 79 1.45 -12.96 -0.53
N ASP A 80 0.47 -13.28 0.33
CA ASP A 80 0.34 -14.64 0.85
C ASP A 80 0.90 -15.67 -0.13
N ILE A 81 1.04 -16.89 0.43
CA ILE A 81 2.34 -17.33 0.90
C ILE A 81 3.42 -16.98 -0.13
N ASP A 82 4.67 -17.17 0.34
CA ASP A 82 5.61 -17.91 -0.49
C ASP A 82 5.34 -19.42 -0.34
N GLU A 83 6.13 -20.03 0.56
CA GLU A 83 6.07 -21.48 0.66
C GLU A 83 5.57 -21.87 2.04
C1 NAG B . 16.82 9.94 0.23
C2 NAG B . 17.31 8.54 0.58
C3 NAG B . 18.77 8.55 1.03
C4 NAG B . 19.49 9.82 0.58
C5 NAG B . 18.74 11.10 0.98
C6 NAG B . 18.93 12.21 -0.05
C7 NAG B . 15.21 7.73 1.43
C8 NAG B . 15.01 6.68 0.33
N2 NAG B . 16.49 8.00 1.66
O3 NAG B . 19.43 7.43 0.51
O4 NAG B . 20.77 9.84 1.13
O5 NAG B . 17.36 10.86 1.14
O6 NAG B . 20.00 13.06 0.30
O7 NAG B . 14.26 8.24 2.01
H1 NAG B . 15.73 10.00 0.23
H2 NAG B . 17.18 7.86 -0.26
H3 NAG B . 18.81 8.47 2.11
H4 NAG B . 19.60 9.81 -0.50
H5 NAG B . 19.14 11.45 1.94
H61 NAG B . 18.04 12.82 -0.14
H62 NAG B . 19.15 11.79 -1.04
H81 NAG B . 15.40 7.05 -0.62
H82 NAG B . 15.53 5.75 0.59
H83 NAG B . 13.94 6.47 0.20
HN2 NAG B . 16.90 7.85 2.57
HO3 NAG B . 20.10 7.75 -0.08
HO4 NAG B . 21.23 9.08 0.80
HO6 NAG B . 20.75 12.77 -0.20
C1 NAG C . 6.79 -5.02 -2.89
C2 NAG C . 6.84 -3.57 -2.41
C3 NAG C . 8.20 -2.93 -2.66
C4 NAG C . 8.66 -3.14 -4.10
C5 NAG C . 8.29 -4.52 -4.62
C6 NAG C . 9.41 -5.15 -5.45
C7 NAG C . 4.60 -2.72 -2.56
C8 NAG C . 4.46 -1.57 -1.55
N2 NAG C . 5.83 -2.80 -3.10
O3 NAG C . 9.15 -3.48 -1.78
O4 NAG C . 8.09 -2.15 -4.92
O5 NAG C . 7.99 -5.36 -3.54
O6 NAG C . 9.16 -5.01 -6.81
O7 NAG C . 3.66 -3.46 -2.82
H1 NAG C . 5.95 -5.18 -3.58
H2 NAG C . 6.58 -3.53 -1.34
H3 NAG C . 8.14 -1.86 -2.44
H4 NAG C . 9.74 -3.01 -4.16
H5 NAG C . 7.39 -4.45 -5.24
H61 NAG C . 9.51 -6.21 -5.22
H62 NAG C . 10.36 -4.67 -5.23
H81 NAG C . 5.25 -0.85 -1.68
H82 NAG C . 3.50 -1.07 -1.65
H83 NAG C . 4.53 -1.97 -0.52
HN2 NAG C . 6.03 -2.34 -3.96
HO3 NAG C . 9.88 -3.76 -2.31
HO4 NAG C . 8.66 -1.41 -4.89
HO6 NAG C . 8.99 -5.88 -7.15
N HIS A 1 5.05 27.47 1.14
CA HIS A 1 3.77 28.12 1.41
C HIS A 1 3.43 28.08 2.90
N MET A 2 2.82 26.93 3.27
CA MET A 2 2.29 26.83 4.61
C MET A 2 2.76 25.56 5.34
N GLU A 3 3.89 25.01 4.88
CA GLU A 3 4.00 23.56 4.90
C GLU A 3 5.32 23.15 5.57
N PRO A 4 5.30 21.88 6.03
CA PRO A 4 6.52 21.16 6.41
C PRO A 4 7.42 20.85 5.20
N VAL A 5 7.36 21.81 4.25
CA VAL A 5 7.30 21.44 2.86
C VAL A 5 8.54 20.63 2.45
N ASP A 6 8.55 20.37 1.13
CA ASP A 6 9.19 19.14 0.67
C ASP A 6 10.66 19.08 1.08
N PRO A 7 11.12 17.82 1.27
CA PRO A 7 11.15 16.80 0.21
C PRO A 7 9.80 16.15 -0.06
N CYS A 8 9.13 15.84 1.06
CA CYS A 8 7.83 15.20 1.03
C CYS A 8 6.75 16.25 1.25
N PHE A 9 6.86 17.14 0.27
CA PHE A 9 6.08 18.35 0.14
C PHE A 9 5.15 18.53 1.34
N ARG A 10 3.86 18.68 1.03
CA ARG A 10 2.87 18.18 1.97
C ARG A 10 2.19 16.87 1.50
N ALA A 11 2.95 16.17 0.63
CA ALA A 11 2.77 14.75 0.37
C ALA A 11 1.61 14.15 1.17
N ASN A 12 0.56 13.83 0.39
CA ASN A 12 -0.29 12.73 0.81
C ASN A 12 -0.15 11.56 -0.15
N CYS A 13 1.00 10.88 0.04
CA CYS A 13 1.08 9.66 0.84
C CYS A 13 -0.22 9.41 1.62
N GLU A 14 -0.94 8.43 1.06
CA GLU A 14 -1.94 7.75 1.86
C GLU A 14 -1.41 7.50 3.27
N TYR A 15 -0.54 6.47 3.34
CA TYR A 15 0.44 6.48 4.41
C TYR A 15 1.35 7.70 4.25
N GLN A 16 2.64 7.44 4.47
CA GLN A 16 3.58 8.54 4.45
C GLN A 16 4.56 8.43 3.28
N CYS A 17 5.73 9.03 3.56
CA CYS A 17 6.64 9.38 2.48
C CYS A 17 7.90 8.52 2.55
N GLN A 18 8.34 8.16 1.33
CA GLN A 18 9.72 8.42 0.98
C GLN A 18 9.81 9.82 0.36
N PRO A 19 10.98 10.45 0.59
CA PRO A 19 11.76 11.06 -0.46
C PRO A 19 12.61 10.07 -1.29
N LEU A 20 12.07 9.80 -2.50
CA LEU A 20 12.47 10.57 -3.69
C LEU A 20 13.74 10.00 -4.35
N ASN A 21 14.60 9.61 -3.42
CA ASN A 21 15.31 8.35 -3.58
C ASN A 21 15.72 8.15 -5.06
N GLN A 22 15.24 7.02 -5.64
CA GLN A 22 14.85 7.06 -7.03
C GLN A 22 13.69 8.03 -7.22
N THR A 23 12.73 7.88 -6.30
CA THR A 23 11.33 7.94 -6.76
C THR A 23 10.91 9.32 -7.30
N SER A 24 11.62 10.30 -6.74
CA SER A 24 11.08 11.59 -6.41
C SER A 24 9.70 11.46 -5.78
N TYR A 25 9.64 12.18 -4.65
CA TYR A 25 9.35 11.55 -3.38
C TYR A 25 8.02 10.81 -3.40
N LEU A 26 8.10 9.75 -2.60
CA LEU A 26 7.27 8.59 -2.87
C LEU A 26 6.42 8.34 -1.62
N CYS A 27 5.52 7.35 -1.73
CA CYS A 27 4.65 7.15 -0.60
C CYS A 27 4.62 5.68 -0.19
N VAL A 28 4.67 5.54 1.15
CA VAL A 28 5.51 4.52 1.77
C VAL A 28 4.92 3.11 1.80
N CYS A 29 3.58 3.13 1.72
CA CYS A 29 2.64 2.40 2.51
C CYS A 29 3.08 0.97 2.79
N ALA A 30 2.16 0.43 3.59
CA ALA A 30 2.54 -0.49 4.63
C ALA A 30 3.09 -1.80 4.04
N GLU A 31 4.39 -1.72 3.69
CA GLU A 31 4.85 -2.28 2.43
C GLU A 31 4.14 -3.59 2.08
N GLY A 32 4.05 -3.76 0.75
CA GLY A 32 2.88 -4.39 0.16
C GLY A 32 1.60 -3.75 0.68
N PHE A 33 1.66 -2.41 0.66
CA PHE A 33 0.82 -1.65 -0.24
C PHE A 33 1.69 -0.67 -1.02
N ALA A 34 2.00 -1.06 -2.26
CA ALA A 34 3.08 -0.33 -2.89
C ALA A 34 3.02 -0.40 -4.42
N PRO A 35 2.65 0.77 -4.98
CA PRO A 35 1.27 1.17 -5.15
C PRO A 35 0.47 0.19 -6.01
N ILE A 36 -0.84 0.19 -5.72
CA ILE A 36 -1.84 0.03 -6.77
C ILE A 36 -1.32 0.61 -8.10
N PRO A 37 -2.03 0.27 -9.21
CA PRO A 37 -2.39 1.25 -10.22
C PRO A 37 -2.54 2.67 -9.66
N HIS A 38 -3.37 3.47 -10.38
CA HIS A 38 -2.99 4.86 -10.63
C HIS A 38 -2.04 5.42 -9.56
N GLU A 39 -2.59 6.42 -8.88
CA GLU A 39 -1.75 7.54 -8.48
C GLU A 39 -0.42 7.02 -7.94
N PRO A 40 0.65 7.75 -8.33
CA PRO A 40 1.94 7.67 -7.64
C PRO A 40 1.91 8.32 -6.26
N HIS A 41 1.00 7.76 -5.43
CA HIS A 41 1.43 7.37 -4.09
C HIS A 41 1.11 5.92 -3.73
N ARG A 42 0.00 5.50 -4.32
CA ARG A 42 -1.05 4.91 -3.51
C ARG A 42 -0.57 3.63 -2.84
N CYS A 43 -1.48 3.25 -1.93
CA CYS A 43 -1.54 1.87 -1.52
C CYS A 43 -2.93 1.28 -1.76
N GLN A 44 -2.91 0.15 -2.48
CA GLN A 44 -4.13 -0.63 -2.56
C GLN A 44 -3.80 -2.06 -3.01
N MET A 45 -3.48 -2.87 -1.98
CA MET A 45 -2.13 -3.41 -1.81
C MET A 45 -1.11 -2.78 -2.76
N PHE A 46 -0.01 -3.52 -2.94
CA PHE A 46 0.30 -3.95 -4.29
C PHE A 46 0.63 -5.44 -4.34
N CYS A 47 -0.29 -6.23 -3.74
CA CYS A 47 0.10 -7.33 -2.84
C CYS A 47 1.61 -7.42 -2.65
N ASN A 48 2.26 -7.98 -3.70
CA ASN A 48 3.71 -8.02 -3.68
C ASN A 48 4.20 -8.85 -2.49
N GLN A 49 5.54 -8.89 -2.41
CA GLN A 49 6.15 -10.01 -1.71
C GLN A 49 5.56 -11.33 -2.21
N THR A 50 6.39 -12.38 -2.04
CA THR A 50 5.80 -13.66 -1.68
C THR A 50 5.64 -13.75 -0.15
N ALA A 51 4.84 -14.77 0.22
CA ALA A 51 3.48 -14.83 -0.30
C ALA A 51 2.82 -13.44 -0.34
N CYS A 52 1.49 -13.50 -0.49
CA CYS A 52 0.68 -12.78 0.47
C CYS A 52 0.08 -13.74 1.51
N PRO A 53 -0.76 -14.67 1.00
CA PRO A 53 -2.20 -14.56 1.10
C PRO A 53 -2.69 -14.33 2.53
N ALA A 54 -4.03 -14.24 2.59
CA ALA A 54 -4.73 -14.21 3.86
C ALA A 54 -4.20 -15.25 4.87
N ASP A 55 -5.10 -15.52 5.82
CA ASP A 55 -4.74 -15.78 7.20
C ASP A 55 -3.58 -14.88 7.61
N CYS A 56 -3.77 -13.60 7.22
CA CYS A 56 -3.27 -12.49 7.98
C CYS A 56 -3.58 -12.65 9.47
N ASP A 57 -3.20 -11.58 10.18
CA ASP A 57 -3.90 -11.12 11.35
C ASP A 57 -5.15 -10.31 10.98
N PRO A 58 -6.07 -10.30 11.96
CA PRO A 58 -7.01 -9.20 12.15
C PRO A 58 -6.33 -7.88 12.51
N ASN A 59 -5.64 -7.92 13.66
CA ASN A 59 -5.68 -6.74 14.53
C ASN A 59 -4.51 -5.77 14.31
N THR A 60 -3.41 -6.40 13.91
CA THR A 60 -2.09 -5.84 14.14
C THR A 60 -1.64 -5.00 12.96
N GLN A 61 -1.72 -5.74 11.86
CA GLN A 61 -1.74 -5.11 10.55
C GLN A 61 -3.18 -4.87 10.12
N ALA A 62 -3.28 -4.05 9.05
CA ALA A 62 -4.30 -4.27 8.04
C ALA A 62 -4.65 -5.76 7.91
N SER A 63 -4.18 -6.30 6.79
CA SER A 63 -3.48 -7.58 6.76
C SER A 63 -4.08 -8.55 5.73
N CYS A 64 -5.42 -8.47 5.74
CA CYS A 64 -6.18 -9.05 4.65
C CYS A 64 -6.72 -7.92 3.77
N GLU A 65 -5.77 -7.31 3.06
CA GLU A 65 -5.58 -5.90 3.19
C GLU A 65 -6.85 -5.18 2.79
N CYS A 66 -7.04 -5.45 1.51
CA CYS A 66 -8.10 -4.94 0.72
C CYS A 66 -9.46 -5.39 1.26
N PRO A 67 -10.35 -5.61 0.27
CA PRO A 67 -10.83 -4.55 -0.58
C PRO A 67 -12.09 -3.90 0.00
N GLU A 68 -12.63 -2.97 -0.81
CA GLU A 68 -14.01 -2.57 -0.60
C GLU A 68 -14.95 -3.78 -0.62
N GLY A 69 -14.93 -4.52 0.49
CA GLY A 69 -15.22 -5.93 0.39
C GLY A 69 -13.93 -6.75 0.23
N TYR A 70 -13.45 -6.69 -1.03
CA TYR A 70 -14.39 -6.87 -2.13
C TYR A 70 -15.38 -8.02 -1.85
N ILE A 71 -15.75 -8.72 -2.94
CA ILE A 71 -16.04 -10.14 -2.80
C ILE A 71 -14.94 -11.02 -3.42
N LEU A 72 -13.71 -10.47 -3.39
CA LEU A 72 -12.82 -10.81 -2.30
C LEU A 72 -12.81 -12.32 -2.10
N ASP A 73 -11.59 -12.77 -1.74
CA ASP A 73 -11.38 -14.19 -1.85
C ASP A 73 -10.18 -14.63 -1.01
N ASP A 74 -10.58 -15.20 0.14
CA ASP A 74 -9.64 -15.92 0.97
C ASP A 74 -8.61 -14.93 1.49
N GLY A 75 -8.84 -14.56 2.77
CA GLY A 75 -10.22 -14.33 3.21
C GLY A 75 -10.47 -12.97 3.87
N PHE A 76 -9.56 -12.06 3.49
CA PHE A 76 -10.01 -10.72 3.11
C PHE A 76 -9.04 -10.08 2.10
N ILE A 77 -8.40 -10.97 1.31
CA ILE A 77 -7.03 -10.73 1.00
C ILE A 77 -6.90 -9.52 0.03
N CYS A 78 -5.90 -9.64 -0.87
CA CYS A 78 -6.15 -9.38 -2.29
C CYS A 78 -5.76 -10.62 -3.08
N THR A 79 -4.43 -10.82 -3.11
CA THR A 79 -3.91 -12.00 -3.78
C THR A 79 -2.38 -12.03 -3.65
N ASP A 80 -1.94 -13.08 -2.93
CA ASP A 80 -1.12 -14.13 -3.54
C ASP A 80 -1.31 -14.19 -5.06
N ILE A 81 -0.15 -14.23 -5.74
CA ILE A 81 0.33 -15.48 -6.31
C ILE A 81 -0.85 -16.35 -6.77
N ASP A 82 -0.60 -17.67 -6.70
CA ASP A 82 -1.49 -18.59 -7.39
C ASP A 82 -2.78 -18.75 -6.59
N GLU A 83 -3.59 -17.68 -6.65
CA GLU A 83 -4.28 -17.40 -7.89
C GLU A 83 -4.83 -15.97 -7.87
C1 NAG B . 15.32 3.71 -1.99
C2 NAG B . 15.49 3.76 -0.47
C3 NAG B . 16.11 2.47 0.07
C4 NAG B . 15.45 1.24 -0.54
C5 NAG B . 15.31 1.37 -2.06
C6 NAG B . 14.57 0.18 -2.67
C7 NAG B . 15.86 5.85 0.65
C8 NAG B . 14.92 6.81 -0.09
N2 NAG B . 16.35 4.88 -0.13
O3 NAG B . 15.96 2.44 1.47
O4 NAG B . 16.20 0.09 -0.24
O5 NAG B . 14.60 2.55 -2.35
O6 NAG B . 13.22 0.50 -2.88
O7 NAG B . 16.12 5.99 1.84
H1 NAG B . 16.28 3.72 -2.50
H2 NAG B . 14.54 3.96 0.00
H3 NAG B . 17.17 2.45 -0.15
H4 NAG B . 14.46 1.10 -0.11
H5 NAG B . 16.31 1.43 -2.51
H61 NAG B . 14.62 -0.69 -2.00
H62 NAG B . 15.01 -0.11 -3.62
H81 NAG B . 14.12 6.24 -0.56
H82 NAG B . 14.49 7.52 0.60
H83 NAG B . 15.47 7.34 -0.86
HN2 NAG B . 17.30 4.93 -0.47
HO3 NAG B . 15.29 1.80 1.66
HO4 NAG B . 17.01 0.16 -0.74
HO6 NAG B . 12.90 0.88 -2.07
C1 NAG C . 7.83 -5.80 -4.43
C2 NAG C . 7.74 -4.28 -4.54
C3 NAG C . 9.04 -3.66 -5.07
C4 NAG C . 10.28 -4.30 -4.45
C5 NAG C . 10.17 -5.83 -4.40
C6 NAG C . 11.35 -6.46 -3.67
C7 NAG C . 5.81 -2.94 -5.02
C8 NAG C . 5.18 -3.21 -3.66
N2 NAG C . 6.65 -3.92 -5.41
O3 NAG C . 9.04 -2.29 -4.81
O4 NAG C . 11.41 -3.94 -5.18
O5 NAG C . 8.98 -6.18 -3.72
O6 NAG C . 11.26 -7.86 -3.70
O7 NAG C . 5.56 -1.93 -5.67
H1 NAG C . 7.83 -6.27 -5.41
H2 NAG C . 7.50 -3.84 -3.57
H3 NAG C . 9.08 -3.78 -6.16
H4 NAG C . 10.41 -3.91 -3.43
H5 NAG C . 10.11 -6.21 -5.41
H61 NAG C . 11.39 -6.14 -2.64
H62 NAG C . 12.29 -6.17 -4.15
H81 NAG C . 5.10 -4.29 -3.48
H82 NAG C . 5.78 -2.77 -2.87
H83 NAG C . 4.17 -2.78 -3.63
HN2 NAG C . 6.52 -4.38 -6.29
HO3 NAG C . 9.94 -1.99 -4.89
HO4 NAG C . 11.75 -3.15 -4.79
HO6 NAG C . 10.88 -8.12 -2.87
N HIS A 1 -1.72 20.60 5.54
CA HIS A 1 -2.21 21.97 5.49
C HIS A 1 -2.28 22.60 6.88
N MET A 2 -1.28 22.23 7.70
CA MET A 2 -0.71 23.21 8.59
C MET A 2 0.83 23.05 8.76
N GLU A 3 1.44 22.40 7.74
CA GLU A 3 2.58 21.57 8.07
C GLU A 3 3.84 22.13 7.41
N PRO A 4 4.98 21.70 7.97
CA PRO A 4 6.24 21.64 7.23
C PRO A 4 6.29 20.61 6.10
N VAL A 5 5.07 20.16 5.74
CA VAL A 5 4.79 19.56 4.45
C VAL A 5 6.06 19.17 3.70
N ASP A 6 6.67 18.18 4.34
CA ASP A 6 7.93 17.68 3.80
C ASP A 6 7.71 17.39 2.30
N PRO A 7 8.84 17.14 1.61
CA PRO A 7 8.84 16.33 0.39
C PRO A 7 8.32 14.91 0.59
N CYS A 8 8.48 14.43 1.84
CA CYS A 8 7.53 13.43 2.31
C CYS A 8 6.25 14.12 2.78
N PHE A 9 6.28 14.40 4.09
CA PHE A 9 5.07 14.80 4.77
C PHE A 9 4.27 15.77 3.88
N ARG A 10 2.98 15.80 4.21
CA ARG A 10 1.99 16.15 3.20
C ARG A 10 1.80 15.07 2.11
N ALA A 11 2.78 14.15 2.08
CA ALA A 11 2.93 13.26 0.95
C ALA A 11 1.54 12.73 0.55
N ASN A 12 1.48 12.24 -0.70
CA ASN A 12 0.27 11.48 -1.07
C ASN A 12 0.54 9.98 -1.24
N CYS A 13 1.60 9.53 -0.56
CA CYS A 13 1.85 8.12 -0.39
C CYS A 13 0.59 7.40 0.03
N GLU A 14 0.11 6.66 -0.98
CA GLU A 14 -0.64 5.45 -0.72
C GLU A 14 -0.16 4.75 0.56
N TYR A 15 1.08 4.23 0.45
CA TYR A 15 1.82 3.97 1.69
C TYR A 15 2.36 5.29 2.25
N GLN A 16 3.65 5.23 2.60
CA GLN A 16 4.35 6.42 3.02
C GLN A 16 5.41 6.82 1.99
N CYS A 17 6.37 7.58 2.54
CA CYS A 17 7.24 8.36 1.69
C CYS A 17 8.59 7.64 1.52
N GLN A 18 9.03 7.66 0.25
CA GLN A 18 10.39 8.06 0.01
C GLN A 18 10.41 9.49 -0.50
N PRO A 19 11.49 10.20 -0.12
CA PRO A 19 12.41 10.83 -1.06
C PRO A 19 13.23 9.81 -1.85
N LEU A 20 13.12 9.95 -3.18
CA LEU A 20 14.30 10.13 -4.02
C LEU A 20 15.31 11.00 -3.30
N ASN A 21 14.77 12.20 -3.07
CA ASN A 21 15.60 13.35 -2.76
C ASN A 21 16.82 13.42 -3.69
N GLN A 22 17.07 14.67 -4.13
CA GLN A 22 16.82 15.02 -5.53
C GLN A 22 15.63 15.99 -5.65
N THR A 23 14.67 15.83 -4.72
CA THR A 23 13.71 14.75 -4.91
C THR A 23 13.11 14.85 -6.31
N SER A 24 12.45 13.73 -6.66
CA SER A 24 11.00 13.80 -6.86
C SER A 24 10.18 13.43 -5.61
N TYR A 25 10.85 12.58 -4.83
CA TYR A 25 10.25 11.81 -3.77
C TYR A 25 9.01 11.09 -4.22
N LEU A 26 8.99 9.87 -3.68
CA LEU A 26 8.28 8.81 -4.35
C LEU A 26 7.18 8.38 -3.37
N CYS A 27 6.74 7.11 -3.46
CA CYS A 27 6.04 6.64 -2.27
C CYS A 27 6.21 5.14 -2.07
N VAL A 28 6.48 4.88 -0.79
CA VAL A 28 6.66 3.51 -0.33
C VAL A 28 5.38 2.73 -0.61
N CYS A 29 5.54 1.41 -0.43
CA CYS A 29 4.38 0.60 -0.76
C CYS A 29 4.17 -0.48 0.29
N ALA A 30 5.29 -1.19 0.40
CA ALA A 30 5.46 -2.06 1.55
C ALA A 30 4.79 -3.42 1.29
N GLU A 31 5.68 -4.44 1.33
CA GLU A 31 5.77 -5.39 0.23
C GLU A 31 4.45 -6.07 -0.16
N GLY A 32 3.56 -6.05 0.84
CA GLY A 32 2.12 -6.20 0.66
C GLY A 32 1.60 -5.60 -0.66
N PHE A 33 2.34 -4.56 -1.08
CA PHE A 33 1.83 -3.46 -1.88
C PHE A 33 2.95 -3.11 -2.86
N ALA A 34 2.57 -2.97 -4.15
CA ALA A 34 3.65 -2.69 -5.09
C ALA A 34 3.21 -2.90 -6.55
N PRO A 35 3.35 -1.78 -7.29
CA PRO A 35 2.23 -0.89 -7.59
C PRO A 35 1.33 -1.42 -8.71
N ILE A 36 0.02 -1.48 -8.35
CA ILE A 36 -1.06 -1.08 -9.25
C ILE A 36 -0.51 -0.34 -10.49
N PRO A 37 -1.21 -0.58 -11.63
CA PRO A 37 -1.05 0.23 -12.83
C PRO A 37 -0.81 1.71 -12.57
N HIS A 38 -0.91 2.46 -13.69
CA HIS A 38 -0.27 3.77 -13.81
C HIS A 38 0.67 4.07 -12.64
N GLU A 39 0.32 5.20 -12.02
CA GLU A 39 1.17 6.30 -11.58
C GLU A 39 2.59 5.89 -11.18
N PRO A 40 3.19 6.76 -10.35
CA PRO A 40 3.64 6.48 -8.98
C PRO A 40 2.59 6.88 -7.94
N HIS A 41 2.40 5.98 -6.95
CA HIS A 41 2.19 6.48 -5.58
C HIS A 41 1.55 5.46 -4.64
N ARG A 42 1.66 4.19 -5.02
CA ARG A 42 0.58 3.61 -5.81
C ARG A 42 -0.09 2.45 -5.12
N CYS A 43 0.78 1.45 -5.08
CA CYS A 43 0.61 0.28 -4.25
C CYS A 43 -0.83 0.11 -3.80
N GLN A 44 -1.47 -0.87 -4.47
CA GLN A 44 -2.86 -1.07 -4.17
C GLN A 44 -3.16 -2.56 -4.18
N MET A 45 -3.45 -2.98 -2.95
CA MET A 45 -2.55 -3.93 -2.33
C MET A 45 -2.18 -5.03 -3.31
N PHE A 46 -0.88 -5.37 -3.27
CA PHE A 46 -0.30 -5.96 -4.47
C PHE A 46 -0.96 -7.30 -4.84
N CYS A 47 -1.33 -8.01 -3.76
CA CYS A 47 -1.03 -9.43 -3.71
C CYS A 47 -1.94 -10.21 -4.67
N ASN A 48 -1.27 -10.90 -5.61
CA ASN A 48 -1.96 -11.18 -6.85
C ASN A 48 -1.30 -12.34 -7.61
N GLN A 49 -1.24 -13.49 -6.92
CA GLN A 49 -1.22 -14.72 -7.69
C GLN A 49 -1.28 -15.93 -6.76
N THR A 50 -2.53 -16.42 -6.59
CA THR A 50 -3.33 -15.96 -5.48
C THR A 50 -2.62 -16.25 -4.16
N ALA A 51 -1.48 -15.56 -4.02
CA ALA A 51 -1.49 -14.37 -3.20
C ALA A 51 -1.93 -14.69 -1.77
N CYS A 52 -2.06 -13.57 -1.04
CA CYS A 52 -1.58 -13.52 0.33
C CYS A 52 -2.83 -13.41 1.24
N PRO A 53 -2.63 -13.11 2.55
CA PRO A 53 -2.94 -14.07 3.58
C PRO A 53 -4.37 -14.07 4.12
N ALA A 54 -5.08 -13.00 3.74
CA ALA A 54 -5.91 -12.36 4.76
C ALA A 54 -5.19 -12.28 6.11
N ASP A 55 -6.05 -12.21 7.16
CA ASP A 55 -5.53 -12.12 8.52
C ASP A 55 -4.30 -11.20 8.55
N CYS A 56 -4.50 -10.07 7.86
CA CYS A 56 -3.95 -8.80 8.25
C CYS A 56 -3.87 -8.67 9.77
N ASP A 57 -3.83 -7.38 10.18
CA ASP A 57 -3.67 -7.06 11.59
C ASP A 57 -4.44 -8.06 12.45
N PRO A 58 -3.90 -8.23 13.69
CA PRO A 58 -4.69 -8.67 14.82
C PRO A 58 -5.87 -7.76 15.11
N ASN A 59 -5.51 -6.55 15.60
CA ASN A 59 -6.37 -5.94 16.59
C ASN A 59 -7.73 -5.64 16.00
N THR A 60 -7.60 -4.70 15.07
CA THR A 60 -8.75 -3.91 14.65
C THR A 60 -9.28 -4.28 13.25
N GLN A 61 -8.66 -5.31 12.66
CA GLN A 61 -8.09 -5.17 11.32
C GLN A 61 -8.83 -4.11 10.50
N ALA A 62 -8.65 -2.85 10.95
CA ALA A 62 -8.67 -1.74 10.01
C ALA A 62 -7.69 -1.94 8.84
N SER A 63 -7.93 -3.05 8.12
CA SER A 63 -6.79 -3.75 7.54
C SER A 63 -7.30 -4.95 6.71
N CYS A 64 -7.86 -4.57 5.54
CA CYS A 64 -7.22 -5.00 4.31
C CYS A 64 -7.97 -4.44 3.10
N GLU A 65 -7.17 -4.23 2.03
CA GLU A 65 -7.22 -2.94 1.35
C GLU A 65 -7.17 -3.03 -0.19
N CYS A 66 -7.34 -4.27 -0.66
CA CYS A 66 -6.88 -4.71 -1.94
C CYS A 66 -7.62 -3.96 -3.05
N PRO A 67 -7.27 -4.33 -4.30
CA PRO A 67 -7.82 -3.69 -5.48
C PRO A 67 -9.29 -4.05 -5.66
N GLU A 68 -9.96 -3.19 -6.45
CA GLU A 68 -11.22 -2.58 -6.04
C GLU A 68 -11.48 -2.75 -4.53
N GLY A 69 -12.78 -2.77 -4.20
CA GLY A 69 -13.30 -3.95 -3.55
C GLY A 69 -13.40 -5.11 -4.55
N TYR A 70 -12.21 -5.69 -4.80
CA TYR A 70 -12.09 -6.88 -5.64
C TYR A 70 -13.41 -7.66 -5.70
N ILE A 71 -13.49 -8.67 -4.80
CA ILE A 71 -14.49 -8.59 -3.77
C ILE A 71 -14.02 -9.36 -2.53
N LEU A 72 -13.94 -8.61 -1.43
CA LEU A 72 -13.13 -9.02 -0.29
C LEU A 72 -13.20 -10.53 -0.11
N ASP A 73 -12.01 -11.14 -0.28
CA ASP A 73 -11.99 -12.47 -0.82
C ASP A 73 -10.93 -13.31 -0.12
N ASP A 74 -10.74 -14.51 -0.67
CA ASP A 74 -10.76 -15.72 0.15
C ASP A 74 -10.12 -15.45 1.51
N GLY A 75 -10.93 -14.81 2.35
CA GLY A 75 -10.67 -14.91 3.78
C GLY A 75 -10.95 -13.60 4.52
N PHE A 76 -10.41 -12.59 3.84
CA PHE A 76 -10.60 -11.19 4.18
C PHE A 76 -9.49 -10.32 3.54
N ILE A 77 -9.08 -10.79 2.33
CA ILE A 77 -7.67 -11.13 2.23
C ILE A 77 -6.84 -9.85 2.27
N CYS A 78 -5.52 -10.04 2.42
CA CYS A 78 -4.56 -9.18 1.76
C CYS A 78 -3.54 -8.66 2.77
N THR A 79 -2.82 -7.62 2.30
CA THR A 79 -1.39 -7.74 1.99
C THR A 79 -0.82 -9.10 2.43
N ASP A 80 0.02 -9.63 1.52
CA ASP A 80 1.41 -9.79 1.90
C ASP A 80 2.23 -10.18 0.66
N ILE A 81 2.57 -11.49 0.60
CA ILE A 81 3.83 -11.99 1.15
C ILE A 81 4.71 -10.87 1.71
N ASP A 82 4.81 -10.88 3.05
CA ASP A 82 6.12 -11.01 3.63
C ASP A 82 6.06 -11.91 4.87
N GLU A 83 6.04 -13.22 4.56
CA GLU A 83 5.92 -14.18 5.63
C GLU A 83 7.21 -14.21 6.46
C1 NAG B . 16.89 11.07 1.01
C2 NAG B . 18.07 10.10 0.93
C3 NAG B . 18.87 10.08 2.22
C4 NAG B . 18.86 11.45 2.89
C5 NAG B . 17.43 11.96 3.16
C6 NAG B . 17.30 13.45 2.89
C7 NAG B . 17.68 8.29 -0.60
C8 NAG B . 16.43 8.54 -1.44
N2 NAG B . 17.57 8.76 0.65
O3 NAG B . 20.20 9.71 1.94
O4 NAG B . 19.56 11.38 4.11
O5 NAG B . 16.51 11.25 2.36
O6 NAG B . 16.11 13.73 2.20
O7 NAG B . 18.67 7.71 -1.05
H1 NAG B . 16.05 10.70 0.44
H2 NAG B . 18.71 10.38 0.09
H3 NAG B . 18.46 9.33 2.90
H4 NAG B . 19.37 12.17 2.26
H5 NAG B . 17.19 11.76 4.20
H61 NAG B . 18.14 13.83 2.31
H62 NAG B . 17.27 14.01 3.83
H81 NAG B . 16.68 8.53 -2.50
H82 NAG B . 15.70 7.76 -1.26
H83 NAG B . 16.00 9.50 -1.19
HN2 NAG B . 17.17 8.21 1.38
HO3 NAG B . 20.39 8.97 2.49
HO4 NAG B . 19.78 10.48 4.24
HO6 NAG B . 15.86 12.93 1.76
C1 NAG C . -0.89 -7.69 -9.57
C2 NAG C . -0.22 -6.35 -9.86
C3 NAG C . -0.65 -5.79 -11.22
C4 NAG C . -0.60 -6.87 -12.29
C5 NAG C . -1.25 -8.17 -11.83
C6 NAG C . -1.09 -9.29 -12.86
C7 NAG C . 0.32 -4.42 -8.53
C8 NAG C . 0.32 -4.04 -7.06
N2 NAG C . -0.57 -5.40 -8.81
O3 NAG C . 0.20 -4.73 -11.57
O4 NAG C . -1.26 -6.41 -13.45
O5 NAG C . -0.65 -8.59 -10.62
O6 NAG C . -0.28 -10.32 -12.35
O7 NAG C . 1.06 -3.89 -9.35
H1 NAG C . -1.97 -7.57 -9.41
H2 NAG C . 0.86 -6.45 -9.82
H3 NAG C . -1.65 -5.38 -11.15
H4 NAG C . 0.43 -7.06 -12.57
H5 NAG C . -2.31 -8.00 -11.64
H61 NAG C . -0.63 -8.91 -13.77
H62 NAG C . -2.06 -9.72 -13.12
H81 NAG C . 0.85 -4.80 -6.48
H82 NAG C . 0.86 -3.10 -6.89
H83 NAG C . -0.69 -3.91 -6.68
HN2 NAG C . -1.42 -5.48 -8.30
HO3 NAG C . 0.95 -5.11 -12.02
HO4 NAG C . -2.19 -6.53 -13.30
HO6 NAG C . 0.54 -9.92 -12.10
N HIS A 1 -2.23 27.07 -8.99
CA HIS A 1 -2.02 25.70 -8.53
C HIS A 1 -1.16 24.91 -9.53
N MET A 2 0.16 25.06 -9.33
CA MET A 2 0.88 24.00 -8.67
C MET A 2 2.07 24.57 -7.90
N GLU A 3 2.82 23.58 -7.37
CA GLU A 3 2.91 23.48 -5.92
C GLU A 3 4.11 24.29 -5.42
N PRO A 4 3.97 24.76 -4.16
CA PRO A 4 5.05 24.69 -3.18
C PRO A 4 5.30 23.26 -2.71
N VAL A 5 6.58 23.04 -2.37
CA VAL A 5 7.23 21.86 -2.92
C VAL A 5 8.42 21.47 -2.05
N ASP A 6 8.06 21.00 -0.86
CA ASP A 6 8.27 19.61 -0.49
C ASP A 6 9.62 19.08 -0.99
N PRO A 7 10.18 18.19 -0.13
CA PRO A 7 9.91 16.76 -0.20
C PRO A 7 8.50 16.39 0.27
N CYS A 8 8.35 16.50 1.60
CA CYS A 8 7.15 15.96 2.21
C CYS A 8 6.01 16.98 2.29
N PHE A 9 6.36 18.27 2.15
CA PHE A 9 5.30 19.22 1.92
C PHE A 9 4.32 18.69 0.88
N ARG A 10 3.19 19.39 0.81
CA ARG A 10 2.32 19.11 -0.32
C ARG A 10 1.77 17.67 -0.35
N ALA A 11 2.24 16.87 0.63
CA ALA A 11 2.78 15.57 0.25
C ALA A 11 1.71 14.72 -0.44
N ASN A 12 0.48 14.83 0.10
CA ASN A 12 0.16 14.02 1.26
C ASN A 12 -0.05 12.56 0.83
N CYS A 13 1.04 11.80 1.01
CA CYS A 13 1.03 10.57 1.79
C CYS A 13 -0.35 10.30 2.42
N GLU A 14 -0.99 9.28 1.83
CA GLU A 14 -1.98 8.50 2.55
C GLU A 14 -1.69 8.46 4.06
N TYR A 15 -1.02 7.37 4.46
CA TYR A 15 -0.08 7.52 5.56
C TYR A 15 0.92 8.63 5.22
N GLN A 16 2.19 8.30 5.48
CA GLN A 16 3.18 9.34 5.54
C GLN A 16 4.26 9.17 4.46
N CYS A 17 5.43 9.72 4.84
CA CYS A 17 6.38 10.19 3.84
C CYS A 17 7.62 9.29 3.85
N GLN A 18 8.19 9.13 2.64
CA GLN A 18 9.60 9.49 2.52
C GLN A 18 9.72 10.78 1.71
N PRO A 19 10.80 11.51 2.03
CA PRO A 19 11.76 11.98 1.04
C PRO A 19 12.78 10.91 0.60
N LEU A 20 12.48 10.33 -0.59
CA LEU A 20 13.06 10.84 -1.84
C LEU A 20 14.48 10.28 -2.09
N ASN A 21 15.15 10.23 -0.95
CA ASN A 21 16.36 9.45 -0.75
C ASN A 21 16.62 8.50 -1.92
N GLN A 22 16.15 7.25 -1.72
CA GLN A 22 15.97 6.41 -2.89
C GLN A 22 15.11 7.15 -3.93
N THR A 23 14.01 7.69 -3.38
CA THR A 23 12.72 7.42 -4.01
C THR A 23 12.23 8.53 -4.97
N SER A 24 12.86 9.70 -4.77
CA SER A 24 12.21 10.97 -4.91
C SER A 24 10.74 10.88 -4.53
N TYR A 25 10.43 11.86 -3.69
CA TYR A 25 9.90 11.55 -2.37
C TYR A 25 8.60 10.77 -2.46
N LEU A 26 8.48 10.01 -1.38
CA LEU A 26 7.63 8.85 -1.47
C LEU A 26 6.69 8.87 -0.26
N CYS A 27 5.82 7.86 -0.19
CA CYS A 27 4.99 7.82 1.00
C CYS A 27 4.94 6.42 1.58
N VAL A 28 5.22 6.44 2.89
CA VAL A 28 5.21 5.20 3.65
C VAL A 28 3.77 4.75 3.84
N CYS A 29 3.70 3.53 4.39
CA CYS A 29 2.77 3.32 5.47
C CYS A 29 3.53 2.69 6.63
N ALA A 30 2.83 1.73 7.26
CA ALA A 30 3.42 0.97 8.37
C ALA A 30 4.59 0.09 7.93
N GLU A 31 5.33 0.60 6.93
CA GLU A 31 5.54 -0.12 5.68
C GLU A 31 5.73 -1.63 5.87
N GLY A 32 5.49 -2.34 4.75
CA GLY A 32 4.58 -3.47 4.78
C GLY A 32 3.28 -3.23 4.00
N PHE A 33 2.83 -2.01 4.27
CA PHE A 33 1.89 -1.25 3.50
C PHE A 33 2.70 -0.27 2.62
N ALA A 34 2.48 -0.44 1.31
CA ALA A 34 3.37 0.19 0.34
C ALA A 34 2.85 -0.02 -1.08
N PRO A 35 3.26 0.92 -1.97
CA PRO A 35 2.36 1.55 -2.92
C PRO A 35 1.61 0.56 -3.81
N ILE A 36 0.36 0.29 -3.36
CA ILE A 36 -0.63 -0.27 -4.26
C ILE A 36 -0.53 0.32 -5.69
N PRO A 37 -1.07 1.55 -5.84
CA PRO A 37 -2.11 1.86 -6.79
C PRO A 37 -1.51 2.09 -8.18
N HIS A 38 -2.37 2.65 -9.05
CA HIS A 38 -2.18 4.01 -9.55
C HIS A 38 -0.85 4.63 -9.11
N GLU A 39 -0.88 4.83 -7.80
CA GLU A 39 -0.56 6.15 -7.28
C GLU A 39 0.68 6.10 -6.41
N PRO A 40 1.46 7.19 -6.50
CA PRO A 40 2.27 7.65 -5.38
C PRO A 40 1.39 8.13 -4.23
N HIS A 41 1.04 7.15 -3.37
CA HIS A 41 1.29 7.42 -1.96
C HIS A 41 1.16 6.15 -1.12
N ARG A 42 0.00 5.57 -1.41
CA ARG A 42 -0.63 4.55 -0.60
C ARG A 42 0.29 3.37 -0.37
N CYS A 43 -0.41 2.38 0.20
CA CYS A 43 0.26 1.17 0.60
C CYS A 43 -0.46 -0.11 0.18
N GLN A 44 -1.76 0.01 0.45
CA GLN A 44 -2.68 -1.11 0.58
C GLN A 44 -1.94 -2.45 0.52
N MET A 45 -2.03 -3.11 1.70
CA MET A 45 -0.89 -3.86 2.22
C MET A 45 -0.03 -4.41 1.08
N PHE A 46 1.18 -3.81 0.95
CA PHE A 46 2.01 -3.92 -0.24
C PHE A 46 1.56 -5.11 -1.12
N CYS A 47 0.51 -4.78 -1.90
CA CYS A 47 -0.46 -5.82 -2.21
C CYS A 47 -0.23 -6.27 -3.66
N ASN A 48 0.88 -7.01 -3.81
CA ASN A 48 2.05 -6.39 -4.38
C ASN A 48 1.68 -5.68 -5.68
N GLN A 49 1.69 -6.50 -6.74
CA GLN A 49 0.46 -7.16 -7.11
C GLN A 49 0.77 -8.40 -7.96
N THR A 50 0.11 -9.50 -7.55
CA THR A 50 -0.15 -10.55 -8.52
C THR A 50 -1.65 -10.85 -8.56
N ALA A 51 -2.41 -9.74 -8.67
CA ALA A 51 -3.56 -9.55 -7.80
C ALA A 51 -3.30 -10.15 -6.41
N CYS A 52 -3.80 -9.37 -5.42
CA CYS A 52 -3.98 -9.97 -4.11
C CYS A 52 -5.04 -11.07 -4.19
N PRO A 53 -6.31 -10.61 -4.14
CA PRO A 53 -7.16 -10.80 -2.98
C PRO A 53 -7.48 -12.28 -2.73
N ALA A 54 -7.80 -12.51 -1.44
CA ALA A 54 -7.47 -13.81 -0.89
C ALA A 54 -8.12 -14.93 -1.70
N ASP A 55 -7.84 -16.14 -1.19
CA ASP A 55 -8.89 -16.93 -0.61
C ASP A 55 -8.30 -17.86 0.46
N CYS A 56 -7.39 -17.24 1.24
CA CYS A 56 -5.98 -17.27 0.92
C CYS A 56 -5.57 -18.67 0.46
N ASP A 57 -4.51 -18.61 -0.37
CA ASP A 57 -4.79 -18.54 -1.80
C ASP A 57 -5.75 -19.68 -2.19
N PRO A 58 -5.15 -20.87 -2.36
CA PRO A 58 -5.21 -21.92 -1.35
C PRO A 58 -4.14 -21.75 -0.27
N ASN A 59 -2.95 -22.28 -0.59
CA ASN A 59 -2.29 -23.13 0.38
C ASN A 59 -1.22 -22.36 1.15
N THR A 60 -0.42 -21.77 0.27
CA THR A 60 1.01 -22.04 0.32
C THR A 60 1.83 -20.80 0.74
N GLN A 61 1.12 -19.79 1.27
CA GLN A 61 1.29 -18.45 0.72
C GLN A 61 1.67 -17.39 1.75
N ALA A 62 1.30 -17.71 3.00
CA ALA A 62 0.12 -17.09 3.59
C ALA A 62 -0.22 -15.75 2.95
N SER A 63 -0.94 -15.87 1.82
CA SER A 63 -1.35 -14.68 1.10
C SER A 63 -2.82 -14.42 1.38
N CYS A 64 -3.05 -14.18 2.68
CA CYS A 64 -3.72 -12.95 3.04
C CYS A 64 -2.72 -11.99 3.68
N GLU A 65 -2.00 -11.30 2.78
CA GLU A 65 -0.82 -10.56 3.22
C GLU A 65 -1.13 -9.28 4.04
N CYS A 66 -2.42 -9.18 4.39
CA CYS A 66 -2.97 -8.02 5.01
C CYS A 66 -2.23 -7.80 6.33
N PRO A 67 -2.78 -6.89 7.17
CA PRO A 67 -2.50 -6.91 8.60
C PRO A 67 -2.75 -8.29 9.20
N GLU A 68 -2.22 -8.43 10.44
CA GLU A 68 -1.82 -9.74 10.94
C GLU A 68 -2.93 -10.78 10.75
N GLY A 69 -2.90 -11.43 9.58
CA GLY A 69 -4.01 -12.30 9.27
C GLY A 69 -5.21 -11.50 8.75
N TYR A 70 -5.44 -10.35 9.44
CA TYR A 70 -6.40 -10.32 10.55
C TYR A 70 -7.50 -11.37 10.36
N ILE A 71 -8.26 -11.55 11.47
CA ILE A 71 -9.67 -11.84 11.31
C ILE A 71 -10.30 -10.83 10.34
N LEU A 72 -11.14 -11.36 9.42
CA LEU A 72 -10.68 -11.45 8.04
C LEU A 72 -9.68 -12.62 7.91
N ASP A 73 -9.15 -12.72 6.68
CA ASP A 73 -9.13 -14.02 6.01
C ASP A 73 -10.11 -14.02 4.84
N ASP A 74 -9.59 -14.53 3.71
CA ASP A 74 -10.50 -14.96 2.68
C ASP A 74 -11.54 -13.87 2.43
N GLY A 75 -11.05 -12.84 1.72
CA GLY A 75 -11.43 -12.73 0.32
C GLY A 75 -11.86 -11.32 -0.05
N PHE A 76 -11.00 -10.43 0.45
CA PHE A 76 -11.39 -9.03 0.53
C PHE A 76 -10.21 -8.08 0.81
N ILE A 77 -8.99 -8.62 0.59
CA ILE A 77 -8.22 -8.81 1.79
C ILE A 77 -7.97 -7.47 2.45
N CYS A 78 -7.27 -6.73 1.60
CA CYS A 78 -7.07 -5.30 1.79
C CYS A 78 -7.21 -4.58 0.45
N THR A 79 -6.55 -5.18 -0.56
CA THR A 79 -7.29 -5.65 -1.71
C THR A 79 -6.42 -5.58 -2.97
N ASP A 80 -6.94 -6.23 -4.03
CA ASP A 80 -6.91 -5.57 -5.32
C ASP A 80 -8.33 -5.35 -5.83
N ILE A 81 -9.04 -6.49 -5.95
CA ILE A 81 -9.66 -6.87 -7.21
C ILE A 81 -8.92 -6.25 -8.41
N ASP A 82 -9.67 -6.17 -9.52
CA ASP A 82 -9.16 -5.39 -10.64
C ASP A 82 -8.96 -3.94 -10.22
N GLU A 83 -10.02 -3.43 -9.56
CA GLU A 83 -10.80 -2.41 -10.22
C GLU A 83 -9.87 -1.29 -10.71
C1 NAG B . 17.71 9.42 3.95
C2 NAG B . 16.73 8.91 5.00
C3 NAG B . 17.46 8.32 6.21
C4 NAG B . 18.58 9.22 6.69
C5 NAG B . 19.37 9.84 5.54
C6 NAG B . 20.88 9.73 5.76
C7 NAG B . 14.57 9.94 5.12
C8 NAG B . 14.32 9.91 3.61
N2 NAG B . 15.87 9.99 5.43
O3 NAG B . 17.97 7.05 5.88
O4 NAG B . 18.05 10.25 7.49
O5 NAG B . 19.04 9.16 4.35
O6 NAG B . 21.58 10.36 4.72
O7 NAG B . 13.65 9.93 5.93
H1 NAG B . 17.58 10.49 3.79
H2 NAG B . 16.07 8.16 4.55
H3 NAG B . 16.74 8.17 7.02
H4 NAG B . 19.27 8.65 7.33
H5 NAG B . 19.10 10.88 5.43
H61 NAG B . 21.20 8.69 5.80
H62 NAG B . 21.17 10.21 6.69
H81 NAG B . 13.35 10.35 3.38
H82 NAG B . 15.09 10.48 3.09
H83 NAG B . 14.33 8.88 3.25
HN2 NAG B . 16.25 10.77 5.94
HO3 NAG B . 17.31 6.61 5.37
HO4 NAG B . 18.79 10.72 7.84
HO6 NAG B . 21.60 9.75 3.99
C1 NAG C . 4.71 -4.66 -6.13
C2 NAG C . 5.60 -3.53 -5.61
C3 NAG C . 6.13 -2.68 -6.76
C4 NAG C . 5.21 -2.74 -7.97
C5 NAG C . 4.90 -4.17 -8.43
C6 NAG C . 5.72 -4.56 -9.66
C7 NAG C . 5.11 -2.83 -3.38
C8 NAG C . 3.98 -2.32 -2.49
N2 NAG C . 4.84 -2.70 -4.69
O3 NAG C . 7.41 -3.13 -7.13
O4 NAG C . 4.00 -2.08 -7.67
O5 NAG C . 5.19 -5.08 -7.39
O6 NAG C . 4.93 -5.24 -10.59
O7 NAG C . 6.14 -3.29 -2.91
H1 NAG C . 3.67 -4.32 -6.23
H2 NAG C . 6.42 -3.95 -5.04
H3 NAG C . 6.24 -1.65 -6.43
H4 NAG C . 5.67 -2.20 -8.80
H5 NAG C . 3.84 -4.25 -8.67
H61 NAG C . 6.55 -5.22 -9.38
H62 NAG C . 6.14 -3.68 -10.13
H81 NAG C . 3.31 -1.67 -3.05
H82 NAG C . 3.39 -3.16 -2.09
H83 NAG C . 4.39 -1.76 -1.65
HN2 NAG C . 4.14 -2.08 -5.02
HO3 NAG C . 7.57 -2.81 -8.00
HO4 NAG C . 3.37 -2.35 -8.33
HO6 NAG C . 4.65 -6.05 -10.18
N HIS A 1 3.46 29.96 -4.94
CA HIS A 1 3.09 30.37 -3.60
C HIS A 1 2.60 29.19 -2.77
N MET A 2 3.45 28.15 -2.78
CA MET A 2 3.24 27.08 -1.83
C MET A 2 4.57 26.70 -1.16
N GLU A 3 4.43 25.87 -0.12
CA GLU A 3 5.28 24.71 -0.01
C GLU A 3 6.73 25.13 0.21
N PRO A 4 7.28 24.58 1.32
CA PRO A 4 8.52 23.84 1.29
C PRO A 4 8.35 22.50 0.56
N VAL A 5 9.49 22.06 -0.01
CA VAL A 5 9.38 21.31 -1.27
C VAL A 5 9.77 19.83 -1.15
N ASP A 6 10.10 19.42 0.09
CA ASP A 6 10.82 18.20 0.36
C ASP A 6 11.30 17.49 -0.92
N PRO A 7 11.12 16.16 -0.93
CA PRO A 7 10.04 15.50 -1.67
C PRO A 7 8.72 15.54 -0.90
N CYS A 8 8.82 14.93 0.30
CA CYS A 8 7.62 14.42 0.94
C CYS A 8 6.55 15.52 1.04
N PHE A 9 6.93 16.56 1.80
CA PHE A 9 6.00 17.55 2.30
C PHE A 9 4.68 17.57 1.55
N ARG A 10 4.92 17.86 0.28
CA ARG A 10 3.85 18.13 -0.67
C ARG A 10 2.82 17.00 -0.85
N ALA A 11 3.09 15.91 -0.11
CA ALA A 11 3.18 14.61 -0.76
C ALA A 11 1.83 14.14 -1.33
N ASN A 12 0.73 14.68 -0.73
CA ASN A 12 -0.16 13.82 0.03
C ASN A 12 -0.34 12.47 -0.69
N CYS A 13 0.60 11.57 -0.37
CA CYS A 13 0.39 10.54 0.64
C CYS A 13 -0.96 10.67 1.34
N GLU A 14 -1.84 9.73 0.94
CA GLU A 14 -2.97 9.40 1.77
C GLU A 14 -2.54 9.34 3.24
N TYR A 15 -1.86 8.21 3.56
CA TYR A 15 -0.96 8.26 4.68
C TYR A 15 0.11 9.31 4.39
N GLN A 16 1.34 8.92 4.76
CA GLN A 16 2.43 9.87 4.67
C GLN A 16 3.50 9.37 3.70
N CYS A 17 4.71 9.80 4.03
CA CYS A 17 5.82 9.74 3.09
C CYS A 17 6.76 8.60 3.49
N GLN A 18 7.16 7.84 2.45
CA GLN A 18 8.59 7.57 2.29
C GLN A 18 9.22 8.51 1.25
N PRO A 19 9.85 9.60 1.78
CA PRO A 19 10.63 10.58 1.01
C PRO A 19 11.79 10.06 0.17
N LEU A 20 11.59 8.83 -0.31
CA LEU A 20 12.17 8.45 -1.58
C LEU A 20 12.30 6.93 -1.56
N ASN A 21 13.22 6.66 -0.64
CA ASN A 21 14.11 5.51 -0.67
C ASN A 21 13.41 4.27 -1.20
N GLN A 22 14.21 3.51 -1.96
CA GLN A 22 14.53 4.00 -3.28
C GLN A 22 13.35 3.75 -4.22
N THR A 23 12.17 4.14 -3.68
CA THR A 23 11.06 4.39 -4.58
C THR A 23 11.18 5.69 -5.38
N SER A 24 11.84 6.63 -4.70
CA SER A 24 11.57 8.02 -4.94
C SER A 24 10.08 8.28 -4.82
N TYR A 25 9.85 9.25 -3.92
CA TYR A 25 9.19 8.99 -2.65
C TYR A 25 7.74 8.60 -2.85
N LEU A 26 7.36 7.83 -1.83
CA LEU A 26 6.26 6.91 -1.96
C LEU A 26 5.22 7.34 -0.95
N CYS A 27 4.19 6.52 -0.74
CA CYS A 27 3.27 6.92 0.31
C CYS A 27 2.81 5.73 1.16
N VAL A 28 2.82 6.04 2.47
CA VAL A 28 3.36 5.11 3.45
C VAL A 28 2.43 3.93 3.82
N CYS A 29 1.17 4.12 3.41
CA CYS A 29 -0.02 3.59 4.02
C CYS A 29 0.13 2.16 4.54
N ALA A 30 -1.03 1.86 5.12
CA ALA A 30 -1.10 1.04 6.31
C ALA A 30 -0.46 -0.33 6.05
N GLU A 31 0.87 -0.34 6.24
CA GLU A 31 1.70 -1.16 5.39
C GLU A 31 1.03 -2.50 5.09
N GLY A 32 1.34 -2.93 3.85
CA GLY A 32 0.32 -3.58 3.06
C GLY A 32 -0.93 -2.70 2.95
N PHE A 33 -0.63 -1.40 2.74
CA PHE A 33 -1.48 -0.61 1.86
C PHE A 33 -0.61 0.40 1.11
N ALA A 34 -0.10 -0.10 -0.02
CA ALA A 34 0.88 0.65 -0.78
C ALA A 34 0.20 1.18 -2.05
N PRO A 35 1.00 1.87 -2.89
CA PRO A 35 0.56 2.20 -4.24
C PRO A 35 -0.05 1.00 -4.98
N ILE A 36 -1.37 0.87 -4.75
CA ILE A 36 -2.28 0.49 -5.81
C ILE A 36 -1.79 1.06 -7.16
N PRO A 37 -2.40 0.55 -8.26
CA PRO A 37 -2.85 1.40 -9.35
C PRO A 37 -3.17 2.83 -8.94
N HIS A 38 -3.89 3.50 -9.87
CA HIS A 38 -3.36 4.71 -10.49
C HIS A 38 -2.17 5.31 -9.71
N GLU A 39 -2.62 6.13 -8.77
CA GLU A 39 -1.80 7.25 -8.35
C GLU A 39 -0.49 6.74 -7.75
N PRO A 40 0.58 7.51 -8.03
CA PRO A 40 1.74 7.60 -7.16
C PRO A 40 1.43 8.30 -5.84
N HIS A 41 0.50 7.67 -5.11
CA HIS A 41 0.78 7.45 -3.70
C HIS A 41 0.22 6.12 -3.15
N ARG A 42 -0.86 5.71 -3.80
CA ARG A 42 -2.05 5.43 -3.03
C ARG A 42 -1.81 4.22 -2.13
N CYS A 43 -2.84 4.04 -1.29
CA CYS A 43 -3.12 2.75 -0.74
C CYS A 43 -4.39 2.15 -1.34
N GLN A 44 -4.18 0.94 -1.88
CA GLN A 44 -5.28 -0.02 -1.91
C GLN A 44 -4.73 -1.41 -2.15
N MET A 45 -4.65 -2.10 -1.01
CA MET A 45 -3.40 -2.70 -0.56
C MET A 45 -2.20 -1.92 -1.14
N PHE A 46 -1.06 -2.62 -1.21
CA PHE A 46 -0.61 -3.02 -2.53
C PHE A 46 -0.09 -4.47 -2.50
N CYS A 47 -1.06 -5.40 -2.65
CA CYS A 47 -0.95 -6.63 -1.91
C CYS A 47 0.24 -7.51 -2.34
N ASN A 48 0.98 -7.03 -3.36
CA ASN A 48 2.44 -7.17 -3.29
C ASN A 48 2.83 -8.55 -3.81
N GLN A 49 4.07 -8.59 -4.35
CA GLN A 49 4.20 -8.62 -5.79
C GLN A 49 3.39 -9.80 -6.35
N THR A 50 2.54 -9.44 -7.34
CA THR A 50 1.18 -9.06 -6.98
C THR A 50 0.62 -10.05 -5.96
N ALA A 51 0.76 -11.33 -6.35
CA ALA A 51 0.04 -12.36 -5.62
C ALA A 51 0.11 -12.12 -4.11
N CYS A 52 -1.00 -12.53 -3.48
CA CYS A 52 -1.68 -11.62 -2.59
C CYS A 52 -1.59 -12.09 -1.12
N PRO A 53 -2.13 -13.32 -0.88
CA PRO A 53 -2.81 -13.65 0.36
C PRO A 53 -1.89 -13.67 1.56
N ALA A 54 -1.77 -12.43 2.02
CA ALA A 54 -2.19 -12.14 3.38
C ALA A 54 -1.24 -12.84 4.37
N ASP A 55 -1.62 -12.69 5.67
CA ASP A 55 -0.66 -12.92 6.76
C ASP A 55 -1.08 -13.96 7.82
N CYS A 56 -2.27 -14.49 7.57
CA CYS A 56 -2.47 -15.64 6.77
C CYS A 56 -1.18 -16.36 6.39
N ASP A 57 -0.47 -15.54 5.63
CA ASP A 57 0.93 -15.69 5.34
C ASP A 57 1.31 -17.09 4.82
N PRO A 58 2.34 -17.06 3.96
CA PRO A 58 3.62 -17.72 4.22
C PRO A 58 4.41 -17.11 5.40
N ASN A 59 4.78 -15.83 5.21
CA ASN A 59 5.51 -15.12 6.22
C ASN A 59 4.68 -14.00 6.85
N THR A 60 4.57 -13.00 5.98
CA THR A 60 3.97 -11.78 6.46
C THR A 60 2.85 -11.34 5.52
N GLN A 61 3.36 -10.57 4.56
CA GLN A 61 2.80 -10.35 3.24
C GLN A 61 2.39 -8.87 3.00
N ALA A 62 2.01 -8.25 4.13
CA ALA A 62 1.30 -7.00 4.10
C ALA A 62 -0.19 -7.15 3.76
N SER A 63 -0.95 -7.42 4.85
CA SER A 63 -1.47 -8.76 5.01
C SER A 63 -2.14 -8.95 6.37
N CYS A 64 -3.47 -8.75 6.32
CA CYS A 64 -4.33 -9.73 5.66
C CYS A 64 -5.50 -8.99 5.00
N GLU A 65 -5.12 -8.08 4.08
CA GLU A 65 -5.47 -6.69 4.33
C GLU A 65 -6.97 -6.48 4.22
N CYS A 66 -7.31 -6.38 2.95
CA CYS A 66 -8.52 -5.79 2.46
C CYS A 66 -9.76 -6.52 2.97
N PRO A 67 -10.83 -6.37 2.16
CA PRO A 67 -11.42 -5.08 1.88
C PRO A 67 -12.13 -4.54 3.12
N GLU A 68 -13.21 -3.79 2.87
CA GLU A 68 -14.55 -4.21 3.27
C GLU A 68 -14.71 -5.73 3.15
N GLY A 69 -15.15 -6.31 4.29
CA GLY A 69 -14.89 -7.72 4.50
C GLY A 69 -13.48 -8.08 4.01
N TYR A 70 -12.55 -7.16 4.31
CA TYR A 70 -12.26 -6.85 5.71
C TYR A 70 -12.42 -8.08 6.61
N ILE A 71 -12.16 -7.81 7.91
CA ILE A 71 -10.80 -7.99 8.41
C ILE A 71 -10.21 -9.30 7.87
N LEU A 72 -9.93 -9.28 6.56
CA LEU A 72 -9.69 -10.56 5.93
C LEU A 72 -8.52 -11.27 6.60
N ASP A 73 -8.12 -12.33 5.88
CA ASP A 73 -8.11 -13.63 6.51
C ASP A 73 -8.10 -14.70 5.44
N ASP A 74 -7.00 -14.62 4.69
CA ASP A 74 -6.44 -15.84 4.16
C ASP A 74 -7.50 -16.53 3.32
N GLY A 75 -7.99 -15.70 2.38
CA GLY A 75 -7.55 -15.86 1.01
C GLY A 75 -8.70 -15.55 0.07
N PHE A 76 -8.60 -14.29 -0.31
CA PHE A 76 -9.80 -13.49 -0.59
C PHE A 76 -9.53 -12.18 -1.33
N ILE A 77 -8.24 -11.84 -1.38
CA ILE A 77 -7.83 -10.83 -0.41
C ILE A 77 -8.17 -9.44 -0.91
N CYS A 78 -7.44 -9.22 -2.00
CA CYS A 78 -7.67 -8.11 -2.88
C CYS A 78 -7.68 -8.61 -4.33
N THR A 79 -6.67 -9.45 -4.61
CA THR A 79 -6.96 -10.87 -4.80
C THR A 79 -5.86 -11.52 -5.62
N ASP A 80 -5.25 -12.56 -4.98
CA ASP A 80 -5.30 -13.93 -5.49
C ASP A 80 -6.26 -14.08 -6.67
N ILE A 81 -5.65 -13.83 -7.85
CA ILE A 81 -6.45 -13.63 -9.06
C ILE A 81 -7.66 -14.56 -9.06
N ASP A 82 -8.83 -13.90 -9.08
CA ASP A 82 -9.79 -14.25 -10.10
C ASP A 82 -9.18 -14.02 -11.47
N GLU A 83 -8.62 -12.81 -11.61
CA GLU A 83 -9.39 -11.76 -12.25
C GLU A 83 -8.66 -11.25 -13.49
C1 NAG B . 17.54 7.12 2.03
C2 NAG B . 17.57 7.83 3.39
C3 NAG B . 18.94 8.42 3.67
C4 NAG B . 19.72 8.67 2.39
C5 NAG B . 19.80 7.43 1.48
C6 NAG B . 21.16 6.72 1.62
C7 NAG B . 16.52 9.76 2.41
C8 NAG B . 15.56 9.37 1.29
N2 NAG B . 16.56 8.87 3.41
O3 NAG B . 19.66 7.56 4.51
O4 NAG B . 19.13 9.71 1.67
O5 NAG B . 18.78 6.51 1.81
O6 NAG B . 21.67 6.88 2.92
O7 NAG B . 17.19 10.80 2.35
H1 NAG B . 17.32 7.83 1.23
H2 NAG B . 17.28 7.13 4.18
H3 NAG B . 18.82 9.36 4.21
H4 NAG B . 20.74 8.99 2.63
H5 NAG B . 19.66 7.73 0.45
H61 NAG B . 21.88 7.14 0.92
H62 NAG B . 21.07 5.66 1.41
H81 NAG B . 15.10 8.41 1.51
H82 NAG B . 14.77 10.12 1.21
H83 NAG B . 16.09 9.31 0.34
HN2 NAG B . 15.90 8.94 4.16
HO3 NAG B . 20.19 8.10 5.07
HO4 NAG B . 19.57 9.75 0.82
HO6 NAG B . 20.96 6.66 3.52
C1 NAG C . 6.11 -5.31 -0.80
C2 NAG C . 6.33 -4.39 0.39
C3 NAG C . 7.80 -4.00 0.57
C4 NAG C . 8.74 -5.20 0.35
C5 NAG C . 8.34 -6.02 -0.88
C6 NAG C . 9.22 -7.26 -1.04
C7 NAG C . 4.69 -2.81 1.18
C8 NAG C . 3.26 -2.67 0.67
N2 NAG C . 5.54 -3.18 0.21
O3 NAG C . 7.99 -3.49 1.86
O4 NAG C . 10.06 -4.74 0.20
O5 NAG C . 7.00 -6.41 -0.75
O6 NAG C . 10.30 -7.23 -0.13
O7 NAG C . 5.00 -2.62 2.35
H1 NAG C . 6.27 -4.78 -1.75
H2 NAG C . 5.95 -4.85 1.30
H3 NAG C . 8.06 -3.22 -0.14
H4 NAG C . 8.72 -5.84 1.24
H5 NAG C . 8.43 -5.39 -1.77
H61 NAG C . 9.62 -7.32 -2.04
H62 NAG C . 8.64 -8.17 -0.85
H81 NAG C . 2.64 -3.48 1.07
H82 NAG C . 2.84 -1.71 1.01
H83 NAG C . 3.23 -2.69 -0.41
HN2 NAG C . 5.64 -2.64 -0.63
HO3 NAG C . 8.73 -2.88 1.80
HO4 NAG C . 10.54 -5.04 0.95
HO6 NAG C . 11.03 -6.85 -0.60
#